data_3U05
# 
_entry.id   3U05 
# 
_audit_conform.dict_name       mmcif_pdbx.dic 
_audit_conform.dict_version    5.387 
_audit_conform.dict_location   http://mmcif.pdb.org/dictionaries/ascii/mmcif_pdbx.dic 
# 
loop_
_database_2.database_id 
_database_2.database_code 
_database_2.pdbx_database_accession 
_database_2.pdbx_DOI 
PDB   3U05         pdb_00003u05 10.2210/pdb3u05/pdb 
NDB   NA1305       ?            ?                   
RCSB  RCSB068138   ?            ?                   
WWPDB D_1000068138 ?            ?                   
# 
loop_
_pdbx_audit_revision_history.ordinal 
_pdbx_audit_revision_history.data_content_type 
_pdbx_audit_revision_history.major_revision 
_pdbx_audit_revision_history.minor_revision 
_pdbx_audit_revision_history.revision_date 
1 'Structure model' 1 0 2012-09-12 
2 'Structure model' 1 1 2014-01-08 
3 'Structure model' 1 2 2024-02-28 
# 
_pdbx_audit_revision_details.ordinal             1 
_pdbx_audit_revision_details.revision_ordinal    1 
_pdbx_audit_revision_details.data_content_type   'Structure model' 
_pdbx_audit_revision_details.provider            repository 
_pdbx_audit_revision_details.type                'Initial release' 
_pdbx_audit_revision_details.description         ? 
_pdbx_audit_revision_details.details             ? 
# 
loop_
_pdbx_audit_revision_group.ordinal 
_pdbx_audit_revision_group.revision_ordinal 
_pdbx_audit_revision_group.data_content_type 
_pdbx_audit_revision_group.group 
1 2 'Structure model' 'Database references'  
2 3 'Structure model' 'Data collection'      
3 3 'Structure model' 'Database references'  
4 3 'Structure model' 'Derived calculations' 
# 
loop_
_pdbx_audit_revision_category.ordinal 
_pdbx_audit_revision_category.revision_ordinal 
_pdbx_audit_revision_category.data_content_type 
_pdbx_audit_revision_category.category 
1 3 'Structure model' chem_comp_atom         
2 3 'Structure model' chem_comp_bond         
3 3 'Structure model' database_2             
4 3 'Structure model' pdbx_struct_conn_angle 
5 3 'Structure model' struct_conn            
6 3 'Structure model' struct_site            
# 
loop_
_pdbx_audit_revision_item.ordinal 
_pdbx_audit_revision_item.revision_ordinal 
_pdbx_audit_revision_item.data_content_type 
_pdbx_audit_revision_item.item 
1  3 'Structure model' '_database_2.pdbx_DOI'                      
2  3 'Structure model' '_database_2.pdbx_database_accession'       
3  3 'Structure model' '_pdbx_struct_conn_angle.ptnr1_auth_seq_id' 
4  3 'Structure model' '_pdbx_struct_conn_angle.ptnr3_auth_seq_id' 
5  3 'Structure model' '_pdbx_struct_conn_angle.value'             
6  3 'Structure model' '_struct_conn.pdbx_dist_value'              
7  3 'Structure model' '_struct_conn.ptnr2_auth_seq_id'            
8  3 'Structure model' '_struct_site.pdbx_auth_asym_id'            
9  3 'Structure model' '_struct_site.pdbx_auth_comp_id'            
10 3 'Structure model' '_struct_site.pdbx_auth_seq_id'             
# 
_pdbx_database_status.status_code                     REL 
_pdbx_database_status.entry_id                        3U05 
_pdbx_database_status.recvd_initial_deposition_date   2011-09-28 
_pdbx_database_status.deposit_site                    RCSB 
_pdbx_database_status.process_site                    RCSB 
_pdbx_database_status.status_code_sf                  REL 
_pdbx_database_status.status_code_mr                  ? 
_pdbx_database_status.SG_entry                        ? 
_pdbx_database_status.status_code_cs                  ? 
_pdbx_database_status.methods_development_category    ? 
_pdbx_database_status.pdb_format_compatible           Y 
_pdbx_database_status.status_code_nmr_data            ? 
# 
_pdbx_database_related.db_name        PDB 
_pdbx_database_related.db_id          3U08 
_pdbx_database_related.details        . 
_pdbx_database_related.content_type   unspecified 
# 
loop_
_audit_author.name 
_audit_author.pdbx_ordinal 
'Wei, D.G.'  1 
'Neidle, S.' 2 
# 
_citation.id                        primary 
_citation.title                     'Small-molecule binding to the DNA minor groove is mediated by a conserved water cluster.' 
_citation.journal_abbrev            J.Am.Chem.Soc. 
_citation.journal_volume            135 
_citation.page_first                1369 
_citation.page_last                 1377 
_citation.year                      2013 
_citation.journal_id_ASTM           JACSAT 
_citation.country                   US 
_citation.journal_id_ISSN           0002-7863 
_citation.journal_id_CSD            0004 
_citation.book_publisher            ? 
_citation.pdbx_database_id_PubMed   23276263 
_citation.pdbx_database_id_DOI      10.1021/ja308952y 
# 
loop_
_citation_author.citation_id 
_citation_author.name 
_citation_author.ordinal 
_citation_author.identifier_ORCID 
primary 'Wei, D.'      1 ? 
primary 'Wilson, W.D.' 2 ? 
primary 'Neidle, S.'   3 ? 
# 
loop_
_entity.id 
_entity.type 
_entity.src_method 
_entity.pdbx_description 
_entity.formula_weight 
_entity.pdbx_number_of_molecules 
_entity.pdbx_ec 
_entity.pdbx_mutation 
_entity.pdbx_fragment 
_entity.details 
1 polymer     syn "5'-D(*CP*GP*CP*GP*AP*AP*TP*TP*CP*GP*CP*G)-3'"                                                          3663.392 
2   ? ? ? ? 
2 non-polymer syn 'MAGNESIUM ION'                                                                                         24.305   
1   ? ? ? ? 
3 non-polymer syn "6-(1,4,5,6-tetrahydropyrimidin-2-yl)-2-[4'-(1,4,5,6-tetrahydropyrimidin-2-yl)biphenyl-4-yl]-1H-indole" 433.547  
1   ? ? ? ? 
4 water       nat water                                                                                                   18.015   
154 ? ? ? ? 
# 
_entity_poly.entity_id                      1 
_entity_poly.type                           polydeoxyribonucleotide 
_entity_poly.nstd_linkage                   no 
_entity_poly.nstd_monomer                   no 
_entity_poly.pdbx_seq_one_letter_code       '(DC)(DG)(DC)(DG)(DA)(DA)(DT)(DT)(DC)(DG)(DC)(DG)' 
_entity_poly.pdbx_seq_one_letter_code_can   CGCGAATTCGCG 
_entity_poly.pdbx_strand_id                 A,B 
_entity_poly.pdbx_target_identifier         ? 
# 
loop_
_pdbx_entity_nonpoly.entity_id 
_pdbx_entity_nonpoly.name 
_pdbx_entity_nonpoly.comp_id 
2 'MAGNESIUM ION'                                                                                         MG  
3 "6-(1,4,5,6-tetrahydropyrimidin-2-yl)-2-[4'-(1,4,5,6-tetrahydropyrimidin-2-yl)biphenyl-4-yl]-1H-indole" 804 
4 water                                                                                                   HOH 
# 
loop_
_entity_poly_seq.entity_id 
_entity_poly_seq.num 
_entity_poly_seq.mon_id 
_entity_poly_seq.hetero 
1 1  DC n 
1 2  DG n 
1 3  DC n 
1 4  DG n 
1 5  DA n 
1 6  DA n 
1 7  DT n 
1 8  DT n 
1 9  DC n 
1 10 DG n 
1 11 DC n 
1 12 DG n 
# 
_pdbx_entity_src_syn.entity_id              1 
_pdbx_entity_src_syn.pdbx_src_id            1 
_pdbx_entity_src_syn.pdbx_alt_source_flag   sample 
_pdbx_entity_src_syn.pdbx_beg_seq_num       ? 
_pdbx_entity_src_syn.pdbx_end_seq_num       ? 
_pdbx_entity_src_syn.organism_scientific    ? 
_pdbx_entity_src_syn.organism_common_name   ? 
_pdbx_entity_src_syn.ncbi_taxonomy_id       ? 
_pdbx_entity_src_syn.details                'This sequence occurs naturally in humans.' 
# 
loop_
_chem_comp.id 
_chem_comp.type 
_chem_comp.mon_nstd_flag 
_chem_comp.name 
_chem_comp.pdbx_synonyms 
_chem_comp.formula 
_chem_comp.formula_weight 
804 non-polymer   . "6-(1,4,5,6-tetrahydropyrimidin-2-yl)-2-[4'-(1,4,5,6-tetrahydropyrimidin-2-yl)biphenyl-4-yl]-1H-indole" DB1804 
'C28 H27 N5'      433.547 
DA  'DNA linking' y "2'-DEOXYADENOSINE-5'-MONOPHOSPHATE"                                                                    ?      
'C10 H14 N5 O6 P' 331.222 
DC  'DNA linking' y "2'-DEOXYCYTIDINE-5'-MONOPHOSPHATE"                                                                     ?      
'C9 H14 N3 O7 P'  307.197 
DG  'DNA linking' y "2'-DEOXYGUANOSINE-5'-MONOPHOSPHATE"                                                                    ?      
'C10 H14 N5 O7 P' 347.221 
DT  'DNA linking' y "THYMIDINE-5'-MONOPHOSPHATE"                                                                            ?      
'C10 H15 N2 O8 P' 322.208 
HOH non-polymer   . WATER                                                                                                   ?      
'H2 O'            18.015  
MG  non-polymer   . 'MAGNESIUM ION'                                                                                         ?      
'Mg 2'            24.305  
# 
loop_
_pdbx_poly_seq_scheme.asym_id 
_pdbx_poly_seq_scheme.entity_id 
_pdbx_poly_seq_scheme.seq_id 
_pdbx_poly_seq_scheme.mon_id 
_pdbx_poly_seq_scheme.ndb_seq_num 
_pdbx_poly_seq_scheme.pdb_seq_num 
_pdbx_poly_seq_scheme.auth_seq_num 
_pdbx_poly_seq_scheme.pdb_mon_id 
_pdbx_poly_seq_scheme.auth_mon_id 
_pdbx_poly_seq_scheme.pdb_strand_id 
_pdbx_poly_seq_scheme.pdb_ins_code 
_pdbx_poly_seq_scheme.hetero 
A 1 1  DC 1  1  1  DC DC A . n 
A 1 2  DG 2  2  2  DG DG A . n 
A 1 3  DC 3  3  3  DC DC A . n 
A 1 4  DG 4  4  4  DG DG A . n 
A 1 5  DA 5  5  5  DA DA A . n 
A 1 6  DA 6  6  6  DA DA A . n 
A 1 7  DT 7  7  7  DT DT A . n 
A 1 8  DT 8  8  8  DT DT A . n 
A 1 9  DC 9  9  9  DC DC A . n 
A 1 10 DG 10 10 10 DG DG A . n 
A 1 11 DC 11 11 11 DC DC A . n 
A 1 12 DG 12 12 12 DG DG A . n 
B 1 1  DC 1  13 13 DC DC B . n 
B 1 2  DG 2  14 14 DG DG B . n 
B 1 3  DC 3  15 15 DC DC B . n 
B 1 4  DG 4  16 16 DG DG B . n 
B 1 5  DA 5  17 17 DA DA B . n 
B 1 6  DA 6  18 18 DA DA B . n 
B 1 7  DT 7  19 19 DT DT B . n 
B 1 8  DT 8  20 20 DT DT B . n 
B 1 9  DC 9  21 21 DC DC B . n 
B 1 10 DG 10 22 22 DG DG B . n 
B 1 11 DC 11 23 23 DC DC B . n 
B 1 12 DG 12 24 24 DG DG B . n 
# 
loop_
_pdbx_nonpoly_scheme.asym_id 
_pdbx_nonpoly_scheme.entity_id 
_pdbx_nonpoly_scheme.mon_id 
_pdbx_nonpoly_scheme.ndb_seq_num 
_pdbx_nonpoly_scheme.pdb_seq_num 
_pdbx_nonpoly_scheme.auth_seq_num 
_pdbx_nonpoly_scheme.pdb_mon_id 
_pdbx_nonpoly_scheme.auth_mon_id 
_pdbx_nonpoly_scheme.pdb_strand_id 
_pdbx_nonpoly_scheme.pdb_ins_code 
C 2 MG  1  101 13 MG  MG  A . 
D 3 804 1  101 1  804 804 B . 
E 4 HOH 1  201 14 HOH HOH A . 
E 4 HOH 2  202 16 HOH HOH A . 
E 4 HOH 3  203 17 HOH HOH A . 
E 4 HOH 4  204 18 HOH HOH A . 
E 4 HOH 5  205 19 HOH HOH A . 
E 4 HOH 6  206 20 HOH HOH A . 
E 4 HOH 7  207 21 HOH HOH A . 
E 4 HOH 8  208 22 HOH HOH A . 
E 4 HOH 9  209 23 HOH HOH A . 
E 4 HOH 10 210 24 HOH HOH A . 
E 4 HOH 11 211 25 HOH HOH A . 
E 4 HOH 12 212 26 HOH HOH A . 
E 4 HOH 13 213 27 HOH HOH A . 
E 4 HOH 14 214 28 HOH HOH A . 
E 4 HOH 15 215 29 HOH HOH A . 
E 4 HOH 16 216 30 HOH HOH A . 
E 4 HOH 17 217 31 HOH HOH A . 
E 4 HOH 18 218 32 HOH HOH A . 
E 4 HOH 19 219 33 HOH HOH A . 
E 4 HOH 20 220 34 HOH HOH A . 
E 4 HOH 21 221 35 HOH HOH A . 
E 4 HOH 22 222 36 HOH HOH A . 
E 4 HOH 23 223 37 HOH HOH A . 
E 4 HOH 24 224 38 HOH HOH A . 
E 4 HOH 25 225 39 HOH HOH A . 
E 4 HOH 26 226 40 HOH HOH A . 
E 4 HOH 27 227 41 HOH HOH A . 
E 4 HOH 28 228 42 HOH HOH A . 
E 4 HOH 29 229 43 HOH HOH A . 
E 4 HOH 30 230 44 HOH HOH A . 
E 4 HOH 31 231 45 HOH HOH A . 
E 4 HOH 32 232 46 HOH HOH A . 
E 4 HOH 33 233 47 HOH HOH A . 
E 4 HOH 34 234 48 HOH HOH A . 
E 4 HOH 35 235 49 HOH HOH A . 
E 4 HOH 36 236 50 HOH HOH A . 
E 4 HOH 37 237 51 HOH HOH A . 
E 4 HOH 38 238 52 HOH HOH A . 
E 4 HOH 39 239 53 HOH HOH A . 
E 4 HOH 40 240 54 HOH HOH A . 
E 4 HOH 41 241 55 HOH HOH A . 
E 4 HOH 42 242 56 HOH HOH A . 
E 4 HOH 43 243 57 HOH HOH A . 
E 4 HOH 44 244 58 HOH HOH A . 
E 4 HOH 45 245 59 HOH HOH A . 
E 4 HOH 46 246 61 HOH HOH A . 
E 4 HOH 47 247 62 HOH HOH A . 
E 4 HOH 48 248 63 HOH HOH A . 
E 4 HOH 49 249 64 HOH HOH A . 
E 4 HOH 50 250 65 HOH HOH A . 
E 4 HOH 51 251 69 HOH HOH A . 
E 4 HOH 52 252 71 HOH HOH A . 
E 4 HOH 53 253 72 HOH HOH A . 
E 4 HOH 54 254 73 HOH HOH A . 
E 4 HOH 55 255 74 HOH HOH A . 
E 4 HOH 56 256 75 HOH HOH A . 
E 4 HOH 57 257 76 HOH HOH A . 
E 4 HOH 58 258 77 HOH HOH A . 
E 4 HOH 59 259 78 HOH HOH A . 
E 4 HOH 60 260 34 HOH HOH A . 
E 4 HOH 61 261 71 HOH HOH A . 
E 4 HOH 62 262 75 HOH HOH A . 
E 4 HOH 63 263 2  HOH HOH A . 
E 4 HOH 64 264 3  HOH HOH A . 
E 4 HOH 65 265 4  HOH HOH A . 
E 4 HOH 66 266 8  HOH HOH A . 
E 4 HOH 67 267 21 HOH HOH A . 
E 4 HOH 68 268 22 HOH HOH A . 
E 4 HOH 69 269 24 HOH HOH A . 
E 4 HOH 70 270 25 HOH HOH A . 
E 4 HOH 71 271 28 HOH HOH A . 
E 4 HOH 72 272 60 HOH HOH A . 
F 4 HOH 1  201 66 HOH HOH B . 
F 4 HOH 2  202 67 HOH HOH B . 
F 4 HOH 3  203 68 HOH HOH B . 
F 4 HOH 4  204 2  HOH HOH B . 
F 4 HOH 5  205 3  HOH HOH B . 
F 4 HOH 6  206 4  HOH HOH B . 
F 4 HOH 7  207 5  HOH HOH B . 
F 4 HOH 8  208 6  HOH HOH B . 
F 4 HOH 9  209 7  HOH HOH B . 
F 4 HOH 10 210 8  HOH HOH B . 
F 4 HOH 11 211 9  HOH HOH B . 
F 4 HOH 12 212 10 HOH HOH B . 
F 4 HOH 13 213 11 HOH HOH B . 
F 4 HOH 14 214 12 HOH HOH B . 
F 4 HOH 15 215 25 HOH HOH B . 
F 4 HOH 16 216 26 HOH HOH B . 
F 4 HOH 17 217 27 HOH HOH B . 
F 4 HOH 18 218 28 HOH HOH B . 
F 4 HOH 19 219 29 HOH HOH B . 
F 4 HOH 20 220 30 HOH HOH B . 
F 4 HOH 21 221 31 HOH HOH B . 
F 4 HOH 22 222 32 HOH HOH B . 
F 4 HOH 23 223 33 HOH HOH B . 
F 4 HOH 24 224 35 HOH HOH B . 
F 4 HOH 25 225 36 HOH HOH B . 
F 4 HOH 26 226 37 HOH HOH B . 
F 4 HOH 27 227 38 HOH HOH B . 
F 4 HOH 28 228 39 HOH HOH B . 
F 4 HOH 29 229 40 HOH HOH B . 
F 4 HOH 30 230 41 HOH HOH B . 
F 4 HOH 31 231 42 HOH HOH B . 
F 4 HOH 32 232 43 HOH HOH B . 
F 4 HOH 33 233 44 HOH HOH B . 
F 4 HOH 34 234 45 HOH HOH B . 
F 4 HOH 35 235 46 HOH HOH B . 
F 4 HOH 36 236 47 HOH HOH B . 
F 4 HOH 37 237 48 HOH HOH B . 
F 4 HOH 38 238 49 HOH HOH B . 
F 4 HOH 39 239 50 HOH HOH B . 
F 4 HOH 40 240 51 HOH HOH B . 
F 4 HOH 41 241 52 HOH HOH B . 
F 4 HOH 42 242 53 HOH HOH B . 
F 4 HOH 43 243 54 HOH HOH B . 
F 4 HOH 44 244 55 HOH HOH B . 
F 4 HOH 45 245 56 HOH HOH B . 
F 4 HOH 46 246 57 HOH HOH B . 
F 4 HOH 47 247 58 HOH HOH B . 
F 4 HOH 48 248 59 HOH HOH B . 
F 4 HOH 49 249 60 HOH HOH B . 
F 4 HOH 50 250 61 HOH HOH B . 
F 4 HOH 51 251 62 HOH HOH B . 
F 4 HOH 52 252 63 HOH HOH B . 
F 4 HOH 53 253 64 HOH HOH B . 
F 4 HOH 54 254 65 HOH HOH B . 
F 4 HOH 55 255 66 HOH HOH B . 
F 4 HOH 56 256 67 HOH HOH B . 
F 4 HOH 57 257 68 HOH HOH B . 
F 4 HOH 58 258 69 HOH HOH B . 
F 4 HOH 59 259 70 HOH HOH B . 
F 4 HOH 60 260 72 HOH HOH B . 
F 4 HOH 61 261 73 HOH HOH B . 
F 4 HOH 62 262 1  HOH HOH B . 
F 4 HOH 63 263 5  HOH HOH B . 
F 4 HOH 64 264 6  HOH HOH B . 
F 4 HOH 65 265 7  HOH HOH B . 
F 4 HOH 66 266 9  HOH HOH B . 
F 4 HOH 67 267 10 HOH HOH B . 
F 4 HOH 68 268 11 HOH HOH B . 
F 4 HOH 69 269 12 HOH HOH B . 
F 4 HOH 70 270 13 HOH HOH B . 
F 4 HOH 71 271 14 HOH HOH B . 
F 4 HOH 72 272 15 HOH HOH B . 
F 4 HOH 73 273 16 HOH HOH B . 
F 4 HOH 74 274 17 HOH HOH B . 
F 4 HOH 75 275 18 HOH HOH B . 
F 4 HOH 76 276 19 HOH HOH B . 
F 4 HOH 77 277 20 HOH HOH B . 
F 4 HOH 78 278 23 HOH HOH B . 
F 4 HOH 79 279 26 HOH HOH B . 
F 4 HOH 80 280 27 HOH HOH B . 
F 4 HOH 81 281 29 HOH HOH B . 
F 4 HOH 82 282 30 HOH HOH B . 
# 
loop_
_software.name 
_software.classification 
_software.version 
_software.citation_id 
_software.pdbx_ordinal 
DNA    'data collection' .        ? 1 
PHASES phasing           .        ? 2 
REFMAC refinement        5.5.0109 ? 3 
xia2   'data reduction'  .        ? 4 
SCALA  'data scaling'    .        ? 5 
# 
_cell.entry_id           3U05 
_cell.length_a           24.100 
_cell.length_b           39.880 
_cell.length_c           65.790 
_cell.angle_alpha        90.00 
_cell.angle_beta         90.00 
_cell.angle_gamma        90.00 
_cell.Z_PDB              8 
_cell.pdbx_unique_axis   ? 
_cell.length_a_esd       ? 
_cell.length_b_esd       ? 
_cell.length_c_esd       ? 
_cell.angle_alpha_esd    ? 
_cell.angle_beta_esd     ? 
_cell.angle_gamma_esd    ? 
# 
_symmetry.entry_id                         3U05 
_symmetry.space_group_name_H-M             'P 21 21 21' 
_symmetry.pdbx_full_space_group_name_H-M   ? 
_symmetry.cell_setting                     ? 
_symmetry.Int_Tables_number                19 
_symmetry.space_group_name_Hall            ? 
# 
_exptl.entry_id          3U05 
_exptl.method            'X-RAY DIFFRACTION' 
_exptl.crystals_number   1 
# 
_exptl_crystal.id                    1 
_exptl_crystal.density_meas          ? 
_exptl_crystal.density_Matthews      2.17 
_exptl_crystal.density_percent_sol   43.34 
_exptl_crystal.description           ? 
_exptl_crystal.F_000                 ? 
_exptl_crystal.preparation           ? 
# 
_exptl_crystal_grow.crystal_id      1 
_exptl_crystal_grow.method          'VAPOR DIFFUSION, HANGING DROP' 
_exptl_crystal_grow.temp            283 
_exptl_crystal_grow.temp_details    ? 
_exptl_crystal_grow.pH              6.5 
_exptl_crystal_grow.pdbx_pH_range   ? 
_exptl_crystal_grow.pdbx_details    
'MAGNESIUM CHLORIDE, DNA, COMPOUND DB1804, MPD, SODIUM CACODYLATE BUFFER, pH 6.5, VAPOR DIFFUSION, HANGING DROP, temperature 283K' 
# 
_diffrn.id                     1 
_diffrn.ambient_temp           100 
_diffrn.ambient_temp_details   ? 
_diffrn.crystal_id             1 
# 
_diffrn_detector.diffrn_id              1 
_diffrn_detector.detector               PIXEL 
_diffrn_detector.type                   'DECTRIS PILATUS 6M' 
_diffrn_detector.pdbx_collection_date   2011-08-07 
_diffrn_detector.details                ? 
# 
_diffrn_radiation.diffrn_id                        1 
_diffrn_radiation.wavelength_id                    1 
_diffrn_radiation.pdbx_monochromatic_or_laue_m_l   M 
_diffrn_radiation.monochromator                    'Si 111 CHANNEL' 
_diffrn_radiation.pdbx_diffrn_protocol             'SINGLE WAVELENGTH' 
_diffrn_radiation.pdbx_scattering_type             x-ray 
# 
_diffrn_radiation_wavelength.id           1 
_diffrn_radiation_wavelength.wavelength   0.9796 
_diffrn_radiation_wavelength.wt           1.0 
# 
_diffrn_source.diffrn_id                   1 
_diffrn_source.source                      SYNCHROTRON 
_diffrn_source.type                        'DIAMOND BEAMLINE I24' 
_diffrn_source.pdbx_synchrotron_site       Diamond 
_diffrn_source.pdbx_synchrotron_beamline   I24 
_diffrn_source.pdbx_wavelength             ? 
_diffrn_source.pdbx_wavelength_list        0.9796 
# 
_reflns.pdbx_diffrn_id               1 
_reflns.pdbx_ordinal                 1 
_reflns.entry_id                     3U05 
_reflns.observed_criterion_sigma_I   0 
_reflns.observed_criterion_sigma_F   0 
_reflns.d_resolution_low             39.98 
_reflns.d_resolution_high            1.02 
_reflns.number_obs                   52182 
_reflns.number_all                   62156 
_reflns.percent_possible_obs         84.0 
_reflns.pdbx_Rmerge_I_obs            0.063 
_reflns.pdbx_Rsym_value              ? 
_reflns.pdbx_netI_over_sigmaI        ? 
_reflns.B_iso_Wilson_estimate        ? 
_reflns.pdbx_redundancy              4.7 
_reflns.R_free_details               ? 
_reflns.pdbx_chi_squared             ? 
_reflns.pdbx_scaling_rejects         ? 
# 
loop_
_reflns_shell.pdbx_diffrn_id 
_reflns_shell.pdbx_ordinal 
_reflns_shell.d_res_high 
_reflns_shell.d_res_low 
_reflns_shell.percent_possible_all 
_reflns_shell.Rmerge_I_obs 
_reflns_shell.pdbx_Rsym_value 
_reflns_shell.meanI_over_sigI_obs 
_reflns_shell.pdbx_redundancy 
_reflns_shell.percent_possible_obs 
_reflns_shell.number_unique_all 
_reflns_shell.number_measured_all 
_reflns_shell.number_measured_obs 
_reflns_shell.number_unique_obs 
_reflns_shell.pdbx_chi_squared 
1 1 1.02 1.05 11.3 ? ? ? ? ? ? ? ? ? ? 
1 2 1.05 1.08 42   ? ? ? ? ? ? ? ? ? ? 
1 3 1.08 1.11 65.7 ? ? ? ? ? ? ? ? ? ? 
1 4 1.11 1.14 82.3 ? ? ? ? ? ? ? ? ? ? 
1 5 1.14 1.18 93.5 ? ? ? ? ? ? ? ? ? ? 
1 6 1.18 1.22 99.7 ? ? ? ? ? ? ? ? ? ? 
# 
_refine.pdbx_refine_id                           'X-RAY DIFFRACTION' 
_refine.entry_id                                 3U05 
_refine.pdbx_diffrn_id                           1 
_refine.pdbx_TLS_residual_ADP_flag               ? 
_refine.ls_number_reflns_obs                     15596 
_refine.ls_number_reflns_all                     ? 
_refine.pdbx_ls_sigma_I                          ? 
_refine.pdbx_ls_sigma_F                          . 
_refine.pdbx_data_cutoff_high_absF               ? 
_refine.pdbx_data_cutoff_low_absF                ? 
_refine.pdbx_data_cutoff_high_rms_absF           ? 
_refine.ls_d_res_low                             34.10 
_refine.ls_d_res_high                            1.27 
_refine.ls_percent_reflns_obs                    94.53 
_refine.ls_R_factor_obs                          0.20228 
_refine.ls_R_factor_all                          ? 
_refine.ls_R_factor_R_work                       0.20055 
_refine.ls_R_factor_R_free                       0.23661 
_refine.ls_R_factor_R_free_error                 ? 
_refine.ls_R_factor_R_free_error_details         ? 
_refine.ls_percent_reflns_R_free                 5.1 
_refine.ls_number_reflns_R_free                  839 
_refine.ls_number_parameters                     ? 
_refine.ls_number_restraints                     ? 
_refine.occupancy_min                            ? 
_refine.occupancy_max                            ? 
_refine.correlation_coeff_Fo_to_Fc               0.961 
_refine.correlation_coeff_Fo_to_Fc_free          0.944 
_refine.B_iso_mean                               19.243 
_refine.aniso_B[1][1]                            0.00 
_refine.aniso_B[2][2]                            0.00 
_refine.aniso_B[3][3]                            0.00 
_refine.aniso_B[1][2]                            0.00 
_refine.aniso_B[1][3]                            0.00 
_refine.aniso_B[2][3]                            0.00 
_refine.solvent_model_details                    MASK 
_refine.solvent_model_param_ksol                 ? 
_refine.solvent_model_param_bsol                 ? 
_refine.pdbx_solvent_vdw_probe_radii             1.40 
_refine.pdbx_solvent_ion_probe_radii             0.80 
_refine.pdbx_solvent_shrinkage_radii             0.80 
_refine.pdbx_ls_cross_valid_method               THROUGHOUT 
_refine.details                                  'HYDROGENS HAVE BEEN ADDED IN THE RIDING POSITIONS' 
_refine.pdbx_starting_model                      ? 
_refine.pdbx_method_to_determine_struct          'MOLECULAR REPLACEMENT' 
_refine.pdbx_isotropic_thermal_model             ? 
_refine.pdbx_stereochemistry_target_values       'MAXIMUM LIKELIHOOD' 
_refine.pdbx_stereochem_target_val_spec_case     ? 
_refine.pdbx_R_Free_selection_details            RANDOM 
_refine.pdbx_overall_ESU_R                       0.061 
_refine.pdbx_overall_ESU_R_Free                  0.065 
_refine.overall_SU_ML                            0.039 
_refine.pdbx_overall_phase_error                 ? 
_refine.overall_SU_B                             0.911 
_refine.overall_SU_R_Cruickshank_DPI             ? 
_refine.pdbx_overall_SU_R_free_Cruickshank_DPI   ? 
_refine.pdbx_overall_SU_R_Blow_DPI               ? 
_refine.pdbx_overall_SU_R_free_Blow_DPI          ? 
_refine.ls_redundancy_reflns_obs                 ? 
_refine.overall_SU_R_free                        ? 
_refine.ls_wR_factor_R_free                      ? 
_refine.ls_wR_factor_R_work                      ? 
_refine.overall_FOM_free_R_set                   ? 
_refine.overall_FOM_work_R_set                   ? 
# 
_refine_hist.pdbx_refine_id                   'X-RAY DIFFRACTION' 
_refine_hist.cycle_id                         LAST 
_refine_hist.pdbx_number_atoms_protein        0 
_refine_hist.pdbx_number_atoms_nucleic_acid   486 
_refine_hist.pdbx_number_atoms_ligand         34 
_refine_hist.number_atoms_solvent             154 
_refine_hist.number_atoms_total               674 
_refine_hist.d_res_high                       1.27 
_refine_hist.d_res_low                        34.10 
# 
loop_
_refine_ls_restr.type 
_refine_ls_restr.dev_ideal 
_refine_ls_restr.dev_ideal_target 
_refine_ls_restr.weight 
_refine_ls_restr.number 
_refine_ls_restr.pdbx_refine_id 
_refine_ls_restr.pdbx_restraint_function 
r_bond_refined_d             0.009 0.021 ? 582 'X-RAY DIFFRACTION' ? 
r_bond_other_d               ?     ?     ? ?   'X-RAY DIFFRACTION' ? 
r_angle_refined_deg          1.178 3.001 ? 889 'X-RAY DIFFRACTION' ? 
r_angle_other_deg            ?     ?     ? ?   'X-RAY DIFFRACTION' ? 
r_dihedral_angle_1_deg       ?     ?     ? ?   'X-RAY DIFFRACTION' ? 
r_dihedral_angle_2_deg       ?     ?     ? ?   'X-RAY DIFFRACTION' ? 
r_dihedral_angle_3_deg       ?     ?     ? ?   'X-RAY DIFFRACTION' ? 
r_dihedral_angle_4_deg       ?     ?     ? ?   'X-RAY DIFFRACTION' ? 
r_chiral_restr               0.056 0.200 ? 94  'X-RAY DIFFRACTION' ? 
r_gen_planes_refined         0.023 0.020 ? 289 'X-RAY DIFFRACTION' ? 
r_gen_planes_other           ?     ?     ? ?   'X-RAY DIFFRACTION' ? 
r_nbd_refined                ?     ?     ? ?   'X-RAY DIFFRACTION' ? 
r_nbd_other                  ?     ?     ? ?   'X-RAY DIFFRACTION' ? 
r_nbtor_refined              ?     ?     ? ?   'X-RAY DIFFRACTION' ? 
r_nbtor_other                ?     ?     ? ?   'X-RAY DIFFRACTION' ? 
r_xyhbond_nbd_refined        ?     ?     ? ?   'X-RAY DIFFRACTION' ? 
r_xyhbond_nbd_other          ?     ?     ? ?   'X-RAY DIFFRACTION' ? 
r_metal_ion_refined          ?     ?     ? ?   'X-RAY DIFFRACTION' ? 
r_metal_ion_other            ?     ?     ? ?   'X-RAY DIFFRACTION' ? 
r_symmetry_vdw_refined       ?     ?     ? ?   'X-RAY DIFFRACTION' ? 
r_symmetry_vdw_other         ?     ?     ? ?   'X-RAY DIFFRACTION' ? 
r_symmetry_hbond_refined     ?     ?     ? ?   'X-RAY DIFFRACTION' ? 
r_symmetry_hbond_other       ?     ?     ? ?   'X-RAY DIFFRACTION' ? 
r_symmetry_metal_ion_refined ?     ?     ? ?   'X-RAY DIFFRACTION' ? 
r_symmetry_metal_ion_other   ?     ?     ? ?   'X-RAY DIFFRACTION' ? 
r_mcbond_it                  ?     ?     ? ?   'X-RAY DIFFRACTION' ? 
r_mcbond_other               ?     ?     ? ?   'X-RAY DIFFRACTION' ? 
r_mcangle_it                 ?     ?     ? ?   'X-RAY DIFFRACTION' ? 
r_scbond_it                  2.374 3.000 ? 582 'X-RAY DIFFRACTION' ? 
r_scangle_it                 3.348 4.500 ? 889 'X-RAY DIFFRACTION' ? 
r_rigid_bond_restr           ?     ?     ? ?   'X-RAY DIFFRACTION' ? 
r_sphericity_free            ?     ?     ? ?   'X-RAY DIFFRACTION' ? 
r_sphericity_bonded          ?     ?     ? ?   'X-RAY DIFFRACTION' ? 
# 
_refine_ls_shell.pdbx_refine_id                   'X-RAY DIFFRACTION' 
_refine_ls_shell.pdbx_total_number_of_bins_used   20 
_refine_ls_shell.d_res_high                       1.270 
_refine_ls_shell.d_res_low                        1.303 
_refine_ls_shell.number_reflns_R_work             824 
_refine_ls_shell.R_factor_R_work                  0.310 
_refine_ls_shell.percent_reflns_obs               71.88 
_refine_ls_shell.R_factor_R_free                  0.352 
_refine_ls_shell.R_factor_R_free_error            ? 
_refine_ls_shell.percent_reflns_R_free            ? 
_refine_ls_shell.number_reflns_R_free             58 
_refine_ls_shell.number_reflns_all                ? 
_refine_ls_shell.R_factor_all                     ? 
_refine_ls_shell.redundancy_reflns_obs            ? 
_refine_ls_shell.number_reflns_obs                ? 
# 
_struct.entry_id                  3U05 
_struct.title                     'Crystal structure of DB1804-D(CGCGAATTCGCG)2 complex' 
_struct.pdbx_model_details        ? 
_struct.pdbx_CASP_flag            ? 
_struct.pdbx_model_type_details   ? 
# 
_struct_keywords.entry_id        3U05 
_struct_keywords.pdbx_keywords   DNA 
_struct_keywords.text            
'A2T2, Dickerson and Drew dodecamer, double helix, DNA minor groove-ligand complex, DNA minor groove binder, DB1804, MG2+, DNA' 
# 
loop_
_struct_asym.id 
_struct_asym.pdbx_blank_PDB_chainid_flag 
_struct_asym.pdbx_modified 
_struct_asym.entity_id 
_struct_asym.details 
A N N 1 ? 
B N N 1 ? 
C N N 2 ? 
D N N 3 ? 
E N N 4 ? 
F N N 4 ? 
# 
_struct_ref.id                         1 
_struct_ref.db_name                    PDB 
_struct_ref.db_code                    3U05 
_struct_ref.pdbx_db_accession          3U05 
_struct_ref.entity_id                  1 
_struct_ref.pdbx_align_begin           ? 
_struct_ref.pdbx_seq_one_letter_code   CGCGAATTCGCG 
_struct_ref.pdbx_db_isoform            ? 
# 
loop_
_struct_ref_seq.align_id 
_struct_ref_seq.ref_id 
_struct_ref_seq.pdbx_PDB_id_code 
_struct_ref_seq.pdbx_strand_id 
_struct_ref_seq.seq_align_beg 
_struct_ref_seq.pdbx_seq_align_beg_ins_code 
_struct_ref_seq.seq_align_end 
_struct_ref_seq.pdbx_seq_align_end_ins_code 
_struct_ref_seq.pdbx_db_accession 
_struct_ref_seq.db_align_beg 
_struct_ref_seq.pdbx_db_align_beg_ins_code 
_struct_ref_seq.db_align_end 
_struct_ref_seq.pdbx_db_align_end_ins_code 
_struct_ref_seq.pdbx_auth_seq_align_beg 
_struct_ref_seq.pdbx_auth_seq_align_end 
1 1 3U05 A 1 ? 12 ? 3U05 1  ? 12 ? 1  12 
2 1 3U05 B 1 ? 12 ? 3U05 13 ? 24 ? 13 24 
# 
_pdbx_struct_assembly.id                   1 
_pdbx_struct_assembly.details              author_and_software_defined_assembly 
_pdbx_struct_assembly.method_details       PISA 
_pdbx_struct_assembly.oligomeric_details   dimeric 
_pdbx_struct_assembly.oligomeric_count     2 
# 
loop_
_pdbx_struct_assembly_prop.biol_id 
_pdbx_struct_assembly_prop.type 
_pdbx_struct_assembly_prop.value 
_pdbx_struct_assembly_prop.details 
1 'ABSA (A^2)' 1530 ? 
1 MORE         -5   ? 
1 'SSA (A^2)'  4460 ? 
# 
_pdbx_struct_assembly_gen.assembly_id       1 
_pdbx_struct_assembly_gen.oper_expression   1 
_pdbx_struct_assembly_gen.asym_id_list      A,B,C,D,E,F 
# 
_pdbx_struct_oper_list.id                   1 
_pdbx_struct_oper_list.type                 'identity operation' 
_pdbx_struct_oper_list.name                 1_555 
_pdbx_struct_oper_list.symmetry_operation   x,y,z 
_pdbx_struct_oper_list.matrix[1][1]         1.0000000000 
_pdbx_struct_oper_list.matrix[1][2]         0.0000000000 
_pdbx_struct_oper_list.matrix[1][3]         0.0000000000 
_pdbx_struct_oper_list.vector[1]            0.0000000000 
_pdbx_struct_oper_list.matrix[2][1]         0.0000000000 
_pdbx_struct_oper_list.matrix[2][2]         1.0000000000 
_pdbx_struct_oper_list.matrix[2][3]         0.0000000000 
_pdbx_struct_oper_list.vector[2]            0.0000000000 
_pdbx_struct_oper_list.matrix[3][1]         0.0000000000 
_pdbx_struct_oper_list.matrix[3][2]         0.0000000000 
_pdbx_struct_oper_list.matrix[3][3]         1.0000000000 
_pdbx_struct_oper_list.vector[3]            0.0000000000 
# 
_struct_biol.id        1 
_struct_biol.details   ? 
# 
loop_
_struct_conn.id 
_struct_conn.conn_type_id 
_struct_conn.pdbx_leaving_atom_flag 
_struct_conn.pdbx_PDB_id 
_struct_conn.ptnr1_label_asym_id 
_struct_conn.ptnr1_label_comp_id 
_struct_conn.ptnr1_label_seq_id 
_struct_conn.ptnr1_label_atom_id 
_struct_conn.pdbx_ptnr1_label_alt_id 
_struct_conn.pdbx_ptnr1_PDB_ins_code 
_struct_conn.pdbx_ptnr1_standard_comp_id 
_struct_conn.ptnr1_symmetry 
_struct_conn.ptnr2_label_asym_id 
_struct_conn.ptnr2_label_comp_id 
_struct_conn.ptnr2_label_seq_id 
_struct_conn.ptnr2_label_atom_id 
_struct_conn.pdbx_ptnr2_label_alt_id 
_struct_conn.pdbx_ptnr2_PDB_ins_code 
_struct_conn.ptnr1_auth_asym_id 
_struct_conn.ptnr1_auth_comp_id 
_struct_conn.ptnr1_auth_seq_id 
_struct_conn.ptnr2_auth_asym_id 
_struct_conn.ptnr2_auth_comp_id 
_struct_conn.ptnr2_auth_seq_id 
_struct_conn.ptnr2_symmetry 
_struct_conn.pdbx_ptnr3_label_atom_id 
_struct_conn.pdbx_ptnr3_label_seq_id 
_struct_conn.pdbx_ptnr3_label_comp_id 
_struct_conn.pdbx_ptnr3_label_asym_id 
_struct_conn.pdbx_ptnr3_label_alt_id 
_struct_conn.pdbx_ptnr3_PDB_ins_code 
_struct_conn.details 
_struct_conn.pdbx_dist_value 
_struct_conn.pdbx_value_order 
_struct_conn.pdbx_role 
metalc1  metalc ? ? C MG .  MG ? ? ? 1_555 E HOH .  O  ? ? A MG 101 A HOH 203 1_555 ? ? ? ? ? ? ?            2.031 ? ? 
metalc2  metalc ? ? C MG .  MG ? ? ? 1_555 E HOH .  O  ? ? A MG 101 A HOH 207 1_555 ? ? ? ? ? ? ?            2.068 ? ? 
metalc3  metalc ? ? C MG .  MG ? ? ? 1_555 E HOH .  O  ? ? A MG 101 A HOH 217 1_555 ? ? ? ? ? ? ?            2.085 ? ? 
metalc4  metalc ? ? C MG .  MG ? ? ? 1_555 E HOH .  O  ? ? A MG 101 A HOH 232 1_555 ? ? ? ? ? ? ?            2.082 ? ? 
hydrog1  hydrog ? ? A DC 1  N3 ? ? ? 1_555 B DG  12 N1 ? ? A DC 1   B DG  24  1_555 ? ? ? ? ? ? WATSON-CRICK ?     ? ? 
hydrog2  hydrog ? ? A DC 1  N4 ? ? ? 1_555 B DG  12 O6 ? ? A DC 1   B DG  24  1_555 ? ? ? ? ? ? WATSON-CRICK ?     ? ? 
hydrog3  hydrog ? ? A DC 1  O2 ? ? ? 1_555 B DG  12 N2 ? ? A DC 1   B DG  24  1_555 ? ? ? ? ? ? WATSON-CRICK ?     ? ? 
hydrog4  hydrog ? ? A DG 2  N1 ? ? ? 1_555 B DC  11 N3 ? ? A DG 2   B DC  23  1_555 ? ? ? ? ? ? WATSON-CRICK ?     ? ? 
hydrog5  hydrog ? ? A DG 2  N2 ? ? ? 1_555 B DC  11 O2 ? ? A DG 2   B DC  23  1_555 ? ? ? ? ? ? WATSON-CRICK ?     ? ? 
hydrog6  hydrog ? ? A DG 2  O6 ? ? ? 1_555 B DC  11 N4 ? ? A DG 2   B DC  23  1_555 ? ? ? ? ? ? WATSON-CRICK ?     ? ? 
hydrog7  hydrog ? ? A DC 3  N3 ? ? ? 1_555 B DG  10 N1 ? ? A DC 3   B DG  22  1_555 ? ? ? ? ? ? WATSON-CRICK ?     ? ? 
hydrog8  hydrog ? ? A DC 3  N4 ? ? ? 1_555 B DG  10 O6 ? ? A DC 3   B DG  22  1_555 ? ? ? ? ? ? WATSON-CRICK ?     ? ? 
hydrog9  hydrog ? ? A DC 3  O2 ? ? ? 1_555 B DG  10 N2 ? ? A DC 3   B DG  22  1_555 ? ? ? ? ? ? WATSON-CRICK ?     ? ? 
hydrog10 hydrog ? ? A DG 4  N1 ? ? ? 1_555 B DC  9  N3 ? ? A DG 4   B DC  21  1_555 ? ? ? ? ? ? WATSON-CRICK ?     ? ? 
hydrog11 hydrog ? ? A DG 4  N2 ? ? ? 1_555 B DC  9  O2 ? ? A DG 4   B DC  21  1_555 ? ? ? ? ? ? WATSON-CRICK ?     ? ? 
hydrog12 hydrog ? ? A DG 4  O6 ? ? ? 1_555 B DC  9  N4 ? ? A DG 4   B DC  21  1_555 ? ? ? ? ? ? WATSON-CRICK ?     ? ? 
hydrog13 hydrog ? ? A DA 5  N1 ? ? ? 1_555 B DT  8  N3 ? ? A DA 5   B DT  20  1_555 ? ? ? ? ? ? WATSON-CRICK ?     ? ? 
hydrog14 hydrog ? ? A DA 5  N6 ? ? ? 1_555 B DT  8  O4 ? ? A DA 5   B DT  20  1_555 ? ? ? ? ? ? WATSON-CRICK ?     ? ? 
hydrog15 hydrog ? ? A DA 6  N1 ? ? ? 1_555 B DT  7  N3 ? ? A DA 6   B DT  19  1_555 ? ? ? ? ? ? WATSON-CRICK ?     ? ? 
hydrog16 hydrog ? ? A DA 6  N6 ? ? ? 1_555 B DT  7  O4 ? ? A DA 6   B DT  19  1_555 ? ? ? ? ? ? WATSON-CRICK ?     ? ? 
hydrog17 hydrog ? ? A DT 7  N3 ? ? ? 1_555 B DA  6  N1 ? ? A DT 7   B DA  18  1_555 ? ? ? ? ? ? WATSON-CRICK ?     ? ? 
hydrog18 hydrog ? ? A DT 7  O4 ? ? ? 1_555 B DA  6  N6 ? ? A DT 7   B DA  18  1_555 ? ? ? ? ? ? WATSON-CRICK ?     ? ? 
hydrog19 hydrog ? ? A DT 8  N3 ? ? ? 1_555 B DA  5  N1 ? ? A DT 8   B DA  17  1_555 ? ? ? ? ? ? WATSON-CRICK ?     ? ? 
hydrog20 hydrog ? ? A DT 8  O4 ? ? ? 1_555 B DA  5  N6 ? ? A DT 8   B DA  17  1_555 ? ? ? ? ? ? WATSON-CRICK ?     ? ? 
hydrog21 hydrog ? ? A DC 9  N3 ? ? ? 1_555 B DG  4  N1 ? ? A DC 9   B DG  16  1_555 ? ? ? ? ? ? WATSON-CRICK ?     ? ? 
hydrog22 hydrog ? ? A DC 9  N4 ? ? ? 1_555 B DG  4  O6 ? ? A DC 9   B DG  16  1_555 ? ? ? ? ? ? WATSON-CRICK ?     ? ? 
hydrog23 hydrog ? ? A DC 9  O2 ? ? ? 1_555 B DG  4  N2 ? ? A DC 9   B DG  16  1_555 ? ? ? ? ? ? WATSON-CRICK ?     ? ? 
hydrog24 hydrog ? ? A DG 10 N1 ? ? ? 1_555 B DC  3  N3 ? ? A DG 10  B DC  15  1_555 ? ? ? ? ? ? WATSON-CRICK ?     ? ? 
hydrog25 hydrog ? ? A DG 10 N2 ? ? ? 1_555 B DC  3  O2 ? ? A DG 10  B DC  15  1_555 ? ? ? ? ? ? WATSON-CRICK ?     ? ? 
hydrog26 hydrog ? ? A DG 10 O6 ? ? ? 1_555 B DC  3  N4 ? ? A DG 10  B DC  15  1_555 ? ? ? ? ? ? WATSON-CRICK ?     ? ? 
hydrog27 hydrog ? ? A DC 11 N3 ? ? ? 1_555 B DG  2  N1 ? ? A DC 11  B DG  14  1_555 ? ? ? ? ? ? WATSON-CRICK ?     ? ? 
hydrog28 hydrog ? ? A DC 11 N4 ? ? ? 1_555 B DG  2  O6 ? ? A DC 11  B DG  14  1_555 ? ? ? ? ? ? WATSON-CRICK ?     ? ? 
hydrog29 hydrog ? ? A DC 11 O2 ? ? ? 1_555 B DG  2  N2 ? ? A DC 11  B DG  14  1_555 ? ? ? ? ? ? WATSON-CRICK ?     ? ? 
hydrog30 hydrog ? ? A DG 12 N1 ? ? ? 1_555 B DC  1  N3 ? ? A DG 12  B DC  13  1_555 ? ? ? ? ? ? WATSON-CRICK ?     ? ? 
hydrog31 hydrog ? ? A DG 12 N2 ? ? ? 1_555 B DC  1  O2 ? ? A DG 12  B DC  13  1_555 ? ? ? ? ? ? WATSON-CRICK ?     ? ? 
hydrog32 hydrog ? ? A DG 12 O6 ? ? ? 1_555 B DC  1  N4 ? ? A DG 12  B DC  13  1_555 ? ? ? ? ? ? WATSON-CRICK ?     ? ? 
# 
loop_
_struct_conn_type.id 
_struct_conn_type.criteria 
_struct_conn_type.reference 
metalc ? ? 
hydrog ? ? 
# 
loop_
_pdbx_struct_conn_angle.id 
_pdbx_struct_conn_angle.ptnr1_label_atom_id 
_pdbx_struct_conn_angle.ptnr1_label_alt_id 
_pdbx_struct_conn_angle.ptnr1_label_asym_id 
_pdbx_struct_conn_angle.ptnr1_label_comp_id 
_pdbx_struct_conn_angle.ptnr1_label_seq_id 
_pdbx_struct_conn_angle.ptnr1_auth_atom_id 
_pdbx_struct_conn_angle.ptnr1_auth_asym_id 
_pdbx_struct_conn_angle.ptnr1_auth_comp_id 
_pdbx_struct_conn_angle.ptnr1_auth_seq_id 
_pdbx_struct_conn_angle.ptnr1_PDB_ins_code 
_pdbx_struct_conn_angle.ptnr1_symmetry 
_pdbx_struct_conn_angle.ptnr2_label_atom_id 
_pdbx_struct_conn_angle.ptnr2_label_alt_id 
_pdbx_struct_conn_angle.ptnr2_label_asym_id 
_pdbx_struct_conn_angle.ptnr2_label_comp_id 
_pdbx_struct_conn_angle.ptnr2_label_seq_id 
_pdbx_struct_conn_angle.ptnr2_auth_atom_id 
_pdbx_struct_conn_angle.ptnr2_auth_asym_id 
_pdbx_struct_conn_angle.ptnr2_auth_comp_id 
_pdbx_struct_conn_angle.ptnr2_auth_seq_id 
_pdbx_struct_conn_angle.ptnr2_PDB_ins_code 
_pdbx_struct_conn_angle.ptnr2_symmetry 
_pdbx_struct_conn_angle.ptnr3_label_atom_id 
_pdbx_struct_conn_angle.ptnr3_label_alt_id 
_pdbx_struct_conn_angle.ptnr3_label_asym_id 
_pdbx_struct_conn_angle.ptnr3_label_comp_id 
_pdbx_struct_conn_angle.ptnr3_label_seq_id 
_pdbx_struct_conn_angle.ptnr3_auth_atom_id 
_pdbx_struct_conn_angle.ptnr3_auth_asym_id 
_pdbx_struct_conn_angle.ptnr3_auth_comp_id 
_pdbx_struct_conn_angle.ptnr3_auth_seq_id 
_pdbx_struct_conn_angle.ptnr3_PDB_ins_code 
_pdbx_struct_conn_angle.ptnr3_symmetry 
_pdbx_struct_conn_angle.value 
_pdbx_struct_conn_angle.value_esd 
1 O ? E HOH . ? A HOH 203 ? 1_555 MG ? C MG . ? A MG 101 ? 1_555 O ? E HOH . ? A HOH 207 ? 1_555 87.4  ? 
2 O ? E HOH . ? A HOH 203 ? 1_555 MG ? C MG . ? A MG 101 ? 1_555 O ? E HOH . ? A HOH 217 ? 1_555 90.3  ? 
3 O ? E HOH . ? A HOH 207 ? 1_555 MG ? C MG . ? A MG 101 ? 1_555 O ? E HOH . ? A HOH 217 ? 1_555 90.8  ? 
4 O ? E HOH . ? A HOH 203 ? 1_555 MG ? C MG . ? A MG 101 ? 1_555 O ? E HOH . ? A HOH 232 ? 1_555 175.2 ? 
5 O ? E HOH . ? A HOH 207 ? 1_555 MG ? C MG . ? A MG 101 ? 1_555 O ? E HOH . ? A HOH 232 ? 1_555 88.0  ? 
6 O ? E HOH . ? A HOH 217 ? 1_555 MG ? C MG . ? A MG 101 ? 1_555 O ? E HOH . ? A HOH 232 ? 1_555 91.0  ? 
# 
loop_
_struct_site.id 
_struct_site.pdbx_evidence_code 
_struct_site.pdbx_auth_asym_id 
_struct_site.pdbx_auth_comp_id 
_struct_site.pdbx_auth_seq_id 
_struct_site.pdbx_auth_ins_code 
_struct_site.pdbx_num_residues 
_struct_site.details 
AC1 Software A MG  101 ? 6  'BINDING SITE FOR RESIDUE MG A 101'  
AC2 Software B 804 101 ? 12 'BINDING SITE FOR RESIDUE 804 B 101' 
1   ?        ? ?   ?   ? ?  ?                                    
# 
loop_
_struct_site_gen.id 
_struct_site_gen.site_id 
_struct_site_gen.pdbx_num_res 
_struct_site_gen.label_comp_id 
_struct_site_gen.label_asym_id 
_struct_site_gen.label_seq_id 
_struct_site_gen.pdbx_auth_ins_code 
_struct_site_gen.auth_comp_id 
_struct_site_gen.auth_asym_id 
_struct_site_gen.auth_seq_id 
_struct_site_gen.label_atom_id 
_struct_site_gen.label_alt_id 
_struct_site_gen.symmetry 
_struct_site_gen.details 
1  AC1 6  HOH E . ? HOH A 203 . ? 1_555 ? 
2  AC1 6  HOH E . ? HOH A 207 . ? 1_555 ? 
3  AC1 6  HOH E . ? HOH A 217 . ? 1_555 ? 
4  AC1 6  HOH E . ? HOH A 232 . ? 1_555 ? 
5  AC1 6  HOH E . ? HOH A 262 . ? 3_645 ? 
6  AC1 6  HOH F . ? HOH B 206 . ? 3_645 ? 
7  AC2 12 DA  A 6 ? DA  A 6   . ? 1_555 ? 
8  AC2 12 DT  A 7 ? DT  A 7   . ? 1_555 ? 
9  AC2 12 DT  A 8 ? DT  A 8   . ? 1_555 ? 
10 AC2 12 DC  A 9 ? DC  A 9   . ? 1_555 ? 
11 AC2 12 HOH E . ? HOH A 272 . ? 1_555 ? 
12 AC2 12 DA  B 6 ? DA  B 18  . ? 1_555 ? 
13 AC2 12 DT  B 7 ? DT  B 19  . ? 1_555 ? 
14 AC2 12 DT  B 8 ? DT  B 20  . ? 1_555 ? 
15 AC2 12 DC  B 9 ? DC  B 21  . ? 1_555 ? 
16 AC2 12 HOH F . ? HOH B 225 . ? 1_555 ? 
17 AC2 12 HOH F . ? HOH B 245 . ? 1_555 ? 
18 AC2 12 HOH F . ? HOH B 271 . ? 1_555 ? 
# 
_struct_site_keywords.site_id   1 
_struct_site_keywords.text      'MINOR GROOVE BINDER' 
# 
loop_
_chem_comp_atom.comp_id 
_chem_comp_atom.atom_id 
_chem_comp_atom.type_symbol 
_chem_comp_atom.pdbx_aromatic_flag 
_chem_comp_atom.pdbx_stereo_config 
_chem_comp_atom.pdbx_ordinal 
804 CAA    C  Y N 1   
804 CAB    C  Y N 2   
804 CAC    C  Y N 3   
804 CAD    C  Y N 4   
804 CAE    C  Y N 5   
804 CAF    C  Y N 6   
804 CAG    C  Y N 7   
804 CAH    C  Y N 8   
804 CAI    C  Y N 9   
804 CAJ    C  Y N 10  
804 CAK    C  Y N 11  
804 CAL    C  Y N 12  
804 CAM    C  N N 13  
804 CAN    C  N N 14  
804 CAO    C  N N 15  
804 CAP    C  N N 16  
804 CAQ    C  N N 17  
804 CAR    C  N N 18  
804 NAS    N  N N 19  
804 NAT    N  N N 20  
804 NAU    N  N N 21  
804 NAV    N  N N 22  
804 NAW    N  Y N 23  
804 CAX    C  N N 24  
804 CAY    C  N N 25  
804 CAZ    C  Y N 26  
804 CBA    C  Y N 27  
804 CBB    C  Y N 28  
804 CBC    C  Y N 29  
804 CBD    C  Y N 30  
804 CBE    C  Y N 31  
804 CBF    C  Y N 32  
804 CBG    C  Y N 33  
804 HAA    H  N N 34  
804 HAB    H  N N 35  
804 HAC    H  N N 36  
804 HAD    H  N N 37  
804 HAE    H  N N 38  
804 HAF    H  N N 39  
804 HAG    H  N N 40  
804 HAH    H  N N 41  
804 HAI    H  N N 42  
804 HAJ    H  N N 43  
804 HAK    H  N N 44  
804 HAL    H  N N 45  
804 HAM    H  N N 46  
804 HAMA   H  N N 47  
804 HAN    H  N N 48  
804 HANA   H  N N 49  
804 HAO    H  N N 50  
804 HAOA   H  N N 51  
804 HAP    H  N N 52  
804 HAPA   H  N N 53  
804 HAQ    H  N N 54  
804 HAQA   H  N N 55  
804 HAR    H  N N 56  
804 HARA   H  N N 57  
804 HNAU   H  N N 58  
804 HNAV   H  N N 59  
804 HNAW   H  N N 60  
DA  OP3    O  N N 61  
DA  P      P  N N 62  
DA  OP1    O  N N 63  
DA  OP2    O  N N 64  
DA  "O5'"  O  N N 65  
DA  "C5'"  C  N N 66  
DA  "C4'"  C  N R 67  
DA  "O4'"  O  N N 68  
DA  "C3'"  C  N S 69  
DA  "O3'"  O  N N 70  
DA  "C2'"  C  N N 71  
DA  "C1'"  C  N R 72  
DA  N9     N  Y N 73  
DA  C8     C  Y N 74  
DA  N7     N  Y N 75  
DA  C5     C  Y N 76  
DA  C6     C  Y N 77  
DA  N6     N  N N 78  
DA  N1     N  Y N 79  
DA  C2     C  Y N 80  
DA  N3     N  Y N 81  
DA  C4     C  Y N 82  
DA  HOP3   H  N N 83  
DA  HOP2   H  N N 84  
DA  "H5'"  H  N N 85  
DA  "H5''" H  N N 86  
DA  "H4'"  H  N N 87  
DA  "H3'"  H  N N 88  
DA  "HO3'" H  N N 89  
DA  "H2'"  H  N N 90  
DA  "H2''" H  N N 91  
DA  "H1'"  H  N N 92  
DA  H8     H  N N 93  
DA  H61    H  N N 94  
DA  H62    H  N N 95  
DA  H2     H  N N 96  
DC  OP3    O  N N 97  
DC  P      P  N N 98  
DC  OP1    O  N N 99  
DC  OP2    O  N N 100 
DC  "O5'"  O  N N 101 
DC  "C5'"  C  N N 102 
DC  "C4'"  C  N R 103 
DC  "O4'"  O  N N 104 
DC  "C3'"  C  N S 105 
DC  "O3'"  O  N N 106 
DC  "C2'"  C  N N 107 
DC  "C1'"  C  N R 108 
DC  N1     N  N N 109 
DC  C2     C  N N 110 
DC  O2     O  N N 111 
DC  N3     N  N N 112 
DC  C4     C  N N 113 
DC  N4     N  N N 114 
DC  C5     C  N N 115 
DC  C6     C  N N 116 
DC  HOP3   H  N N 117 
DC  HOP2   H  N N 118 
DC  "H5'"  H  N N 119 
DC  "H5''" H  N N 120 
DC  "H4'"  H  N N 121 
DC  "H3'"  H  N N 122 
DC  "HO3'" H  N N 123 
DC  "H2'"  H  N N 124 
DC  "H2''" H  N N 125 
DC  "H1'"  H  N N 126 
DC  H41    H  N N 127 
DC  H42    H  N N 128 
DC  H5     H  N N 129 
DC  H6     H  N N 130 
DG  OP3    O  N N 131 
DG  P      P  N N 132 
DG  OP1    O  N N 133 
DG  OP2    O  N N 134 
DG  "O5'"  O  N N 135 
DG  "C5'"  C  N N 136 
DG  "C4'"  C  N R 137 
DG  "O4'"  O  N N 138 
DG  "C3'"  C  N S 139 
DG  "O3'"  O  N N 140 
DG  "C2'"  C  N N 141 
DG  "C1'"  C  N R 142 
DG  N9     N  Y N 143 
DG  C8     C  Y N 144 
DG  N7     N  Y N 145 
DG  C5     C  Y N 146 
DG  C6     C  N N 147 
DG  O6     O  N N 148 
DG  N1     N  N N 149 
DG  C2     C  N N 150 
DG  N2     N  N N 151 
DG  N3     N  N N 152 
DG  C4     C  Y N 153 
DG  HOP3   H  N N 154 
DG  HOP2   H  N N 155 
DG  "H5'"  H  N N 156 
DG  "H5''" H  N N 157 
DG  "H4'"  H  N N 158 
DG  "H3'"  H  N N 159 
DG  "HO3'" H  N N 160 
DG  "H2'"  H  N N 161 
DG  "H2''" H  N N 162 
DG  "H1'"  H  N N 163 
DG  H8     H  N N 164 
DG  H1     H  N N 165 
DG  H21    H  N N 166 
DG  H22    H  N N 167 
DT  OP3    O  N N 168 
DT  P      P  N N 169 
DT  OP1    O  N N 170 
DT  OP2    O  N N 171 
DT  "O5'"  O  N N 172 
DT  "C5'"  C  N N 173 
DT  "C4'"  C  N R 174 
DT  "O4'"  O  N N 175 
DT  "C3'"  C  N S 176 
DT  "O3'"  O  N N 177 
DT  "C2'"  C  N N 178 
DT  "C1'"  C  N R 179 
DT  N1     N  N N 180 
DT  C2     C  N N 181 
DT  O2     O  N N 182 
DT  N3     N  N N 183 
DT  C4     C  N N 184 
DT  O4     O  N N 185 
DT  C5     C  N N 186 
DT  C7     C  N N 187 
DT  C6     C  N N 188 
DT  HOP3   H  N N 189 
DT  HOP2   H  N N 190 
DT  "H5'"  H  N N 191 
DT  "H5''" H  N N 192 
DT  "H4'"  H  N N 193 
DT  "H3'"  H  N N 194 
DT  "HO3'" H  N N 195 
DT  "H2'"  H  N N 196 
DT  "H2''" H  N N 197 
DT  "H1'"  H  N N 198 
DT  H3     H  N N 199 
DT  H71    H  N N 200 
DT  H72    H  N N 201 
DT  H73    H  N N 202 
DT  H6     H  N N 203 
HOH O      O  N N 204 
HOH H1     H  N N 205 
HOH H2     H  N N 206 
MG  MG     MG N N 207 
# 
loop_
_chem_comp_bond.comp_id 
_chem_comp_bond.atom_id_1 
_chem_comp_bond.atom_id_2 
_chem_comp_bond.value_order 
_chem_comp_bond.pdbx_aromatic_flag 
_chem_comp_bond.pdbx_stereo_config 
_chem_comp_bond.pdbx_ordinal 
804 CAA   CAC    doub Y N 1   
804 CAA   CAZ    sing Y N 2   
804 CAB   CAD    sing Y N 3   
804 CAB   CAZ    doub Y N 4   
804 CAC   CBB    sing Y N 5   
804 CAD   CBB    doub Y N 6   
804 CAE   CAG    doub Y N 7   
804 CAE   CBC    sing Y N 8   
804 CAF   CAH    sing Y N 9   
804 CAF   CBC    doub Y N 10  
804 CAG   CBD    sing Y N 11  
804 CAH   CBD    doub Y N 12  
804 CAI   CAJ    doub Y N 13  
804 CAI   CBA    sing Y N 14  
804 CAJ   CBF    sing Y N 15  
804 CAK   CBA    doub Y N 16  
804 CAK   CBG    sing Y N 17  
804 CAL   CBE    doub Y N 18  
804 CAL   CBF    sing Y N 19  
804 CAM   CAO    sing N N 20  
804 CAM   CAQ    sing N N 21  
804 CAN   CAP    sing N N 22  
804 CAN   CAR    sing N N 23  
804 CAO   NAS    sing N N 24  
804 CAP   NAT    sing N N 25  
804 CAQ   NAU    sing N N 26  
804 CAR   NAV    sing N N 27  
804 NAS   CAX    doub N N 28  
804 NAT   CAY    doub N N 29  
804 NAU   CAX    sing N N 30  
804 NAV   CAY    sing N N 31  
804 NAW   CBE    sing Y N 32  
804 NAW   CBG    sing Y N 33  
804 CAX   CAZ    sing N N 34  
804 CAY   CBA    sing N N 35  
804 CBB   CBC    sing N N 36  
804 CBD   CBE    sing N N 37  
804 CBF   CBG    doub Y N 38  
804 CAA   HAA    sing N N 39  
804 CAB   HAB    sing N N 40  
804 CAC   HAC    sing N N 41  
804 CAD   HAD    sing N N 42  
804 CAE   HAE    sing N N 43  
804 CAF   HAF    sing N N 44  
804 CAG   HAG    sing N N 45  
804 CAH   HAH    sing N N 46  
804 CAI   HAI    sing N N 47  
804 CAJ   HAJ    sing N N 48  
804 CAK   HAK    sing N N 49  
804 CAL   HAL    sing N N 50  
804 CAM   HAM    sing N N 51  
804 CAM   HAMA   sing N N 52  
804 CAN   HAN    sing N N 53  
804 CAN   HANA   sing N N 54  
804 CAO   HAO    sing N N 55  
804 CAO   HAOA   sing N N 56  
804 CAP   HAP    sing N N 57  
804 CAP   HAPA   sing N N 58  
804 CAQ   HAQ    sing N N 59  
804 CAQ   HAQA   sing N N 60  
804 CAR   HAR    sing N N 61  
804 CAR   HARA   sing N N 62  
804 NAU   HNAU   sing N N 63  
804 NAV   HNAV   sing N N 64  
804 NAW   HNAW   sing N N 65  
DA  OP3   P      sing N N 66  
DA  OP3   HOP3   sing N N 67  
DA  P     OP1    doub N N 68  
DA  P     OP2    sing N N 69  
DA  P     "O5'"  sing N N 70  
DA  OP2   HOP2   sing N N 71  
DA  "O5'" "C5'"  sing N N 72  
DA  "C5'" "C4'"  sing N N 73  
DA  "C5'" "H5'"  sing N N 74  
DA  "C5'" "H5''" sing N N 75  
DA  "C4'" "O4'"  sing N N 76  
DA  "C4'" "C3'"  sing N N 77  
DA  "C4'" "H4'"  sing N N 78  
DA  "O4'" "C1'"  sing N N 79  
DA  "C3'" "O3'"  sing N N 80  
DA  "C3'" "C2'"  sing N N 81  
DA  "C3'" "H3'"  sing N N 82  
DA  "O3'" "HO3'" sing N N 83  
DA  "C2'" "C1'"  sing N N 84  
DA  "C2'" "H2'"  sing N N 85  
DA  "C2'" "H2''" sing N N 86  
DA  "C1'" N9     sing N N 87  
DA  "C1'" "H1'"  sing N N 88  
DA  N9    C8     sing Y N 89  
DA  N9    C4     sing Y N 90  
DA  C8    N7     doub Y N 91  
DA  C8    H8     sing N N 92  
DA  N7    C5     sing Y N 93  
DA  C5    C6     sing Y N 94  
DA  C5    C4     doub Y N 95  
DA  C6    N6     sing N N 96  
DA  C6    N1     doub Y N 97  
DA  N6    H61    sing N N 98  
DA  N6    H62    sing N N 99  
DA  N1    C2     sing Y N 100 
DA  C2    N3     doub Y N 101 
DA  C2    H2     sing N N 102 
DA  N3    C4     sing Y N 103 
DC  OP3   P      sing N N 104 
DC  OP3   HOP3   sing N N 105 
DC  P     OP1    doub N N 106 
DC  P     OP2    sing N N 107 
DC  P     "O5'"  sing N N 108 
DC  OP2   HOP2   sing N N 109 
DC  "O5'" "C5'"  sing N N 110 
DC  "C5'" "C4'"  sing N N 111 
DC  "C5'" "H5'"  sing N N 112 
DC  "C5'" "H5''" sing N N 113 
DC  "C4'" "O4'"  sing N N 114 
DC  "C4'" "C3'"  sing N N 115 
DC  "C4'" "H4'"  sing N N 116 
DC  "O4'" "C1'"  sing N N 117 
DC  "C3'" "O3'"  sing N N 118 
DC  "C3'" "C2'"  sing N N 119 
DC  "C3'" "H3'"  sing N N 120 
DC  "O3'" "HO3'" sing N N 121 
DC  "C2'" "C1'"  sing N N 122 
DC  "C2'" "H2'"  sing N N 123 
DC  "C2'" "H2''" sing N N 124 
DC  "C1'" N1     sing N N 125 
DC  "C1'" "H1'"  sing N N 126 
DC  N1    C2     sing N N 127 
DC  N1    C6     sing N N 128 
DC  C2    O2     doub N N 129 
DC  C2    N3     sing N N 130 
DC  N3    C4     doub N N 131 
DC  C4    N4     sing N N 132 
DC  C4    C5     sing N N 133 
DC  N4    H41    sing N N 134 
DC  N4    H42    sing N N 135 
DC  C5    C6     doub N N 136 
DC  C5    H5     sing N N 137 
DC  C6    H6     sing N N 138 
DG  OP3   P      sing N N 139 
DG  OP3   HOP3   sing N N 140 
DG  P     OP1    doub N N 141 
DG  P     OP2    sing N N 142 
DG  P     "O5'"  sing N N 143 
DG  OP2   HOP2   sing N N 144 
DG  "O5'" "C5'"  sing N N 145 
DG  "C5'" "C4'"  sing N N 146 
DG  "C5'" "H5'"  sing N N 147 
DG  "C5'" "H5''" sing N N 148 
DG  "C4'" "O4'"  sing N N 149 
DG  "C4'" "C3'"  sing N N 150 
DG  "C4'" "H4'"  sing N N 151 
DG  "O4'" "C1'"  sing N N 152 
DG  "C3'" "O3'"  sing N N 153 
DG  "C3'" "C2'"  sing N N 154 
DG  "C3'" "H3'"  sing N N 155 
DG  "O3'" "HO3'" sing N N 156 
DG  "C2'" "C1'"  sing N N 157 
DG  "C2'" "H2'"  sing N N 158 
DG  "C2'" "H2''" sing N N 159 
DG  "C1'" N9     sing N N 160 
DG  "C1'" "H1'"  sing N N 161 
DG  N9    C8     sing Y N 162 
DG  N9    C4     sing Y N 163 
DG  C8    N7     doub Y N 164 
DG  C8    H8     sing N N 165 
DG  N7    C5     sing Y N 166 
DG  C5    C6     sing N N 167 
DG  C5    C4     doub Y N 168 
DG  C6    O6     doub N N 169 
DG  C6    N1     sing N N 170 
DG  N1    C2     sing N N 171 
DG  N1    H1     sing N N 172 
DG  C2    N2     sing N N 173 
DG  C2    N3     doub N N 174 
DG  N2    H21    sing N N 175 
DG  N2    H22    sing N N 176 
DG  N3    C4     sing N N 177 
DT  OP3   P      sing N N 178 
DT  OP3   HOP3   sing N N 179 
DT  P     OP1    doub N N 180 
DT  P     OP2    sing N N 181 
DT  P     "O5'"  sing N N 182 
DT  OP2   HOP2   sing N N 183 
DT  "O5'" "C5'"  sing N N 184 
DT  "C5'" "C4'"  sing N N 185 
DT  "C5'" "H5'"  sing N N 186 
DT  "C5'" "H5''" sing N N 187 
DT  "C4'" "O4'"  sing N N 188 
DT  "C4'" "C3'"  sing N N 189 
DT  "C4'" "H4'"  sing N N 190 
DT  "O4'" "C1'"  sing N N 191 
DT  "C3'" "O3'"  sing N N 192 
DT  "C3'" "C2'"  sing N N 193 
DT  "C3'" "H3'"  sing N N 194 
DT  "O3'" "HO3'" sing N N 195 
DT  "C2'" "C1'"  sing N N 196 
DT  "C2'" "H2'"  sing N N 197 
DT  "C2'" "H2''" sing N N 198 
DT  "C1'" N1     sing N N 199 
DT  "C1'" "H1'"  sing N N 200 
DT  N1    C2     sing N N 201 
DT  N1    C6     sing N N 202 
DT  C2    O2     doub N N 203 
DT  C2    N3     sing N N 204 
DT  N3    C4     sing N N 205 
DT  N3    H3     sing N N 206 
DT  C4    O4     doub N N 207 
DT  C4    C5     sing N N 208 
DT  C5    C7     sing N N 209 
DT  C5    C6     doub N N 210 
DT  C7    H71    sing N N 211 
DT  C7    H72    sing N N 212 
DT  C7    H73    sing N N 213 
DT  C6    H6     sing N N 214 
HOH O     H1     sing N N 215 
HOH O     H2     sing N N 216 
# 
loop_
_ndb_struct_conf_na.entry_id 
_ndb_struct_conf_na.feature 
3U05 'double helix'        
3U05 'b-form double helix' 
# 
loop_
_ndb_struct_na_base_pair.model_number 
_ndb_struct_na_base_pair.i_label_asym_id 
_ndb_struct_na_base_pair.i_label_comp_id 
_ndb_struct_na_base_pair.i_label_seq_id 
_ndb_struct_na_base_pair.i_symmetry 
_ndb_struct_na_base_pair.j_label_asym_id 
_ndb_struct_na_base_pair.j_label_comp_id 
_ndb_struct_na_base_pair.j_label_seq_id 
_ndb_struct_na_base_pair.j_symmetry 
_ndb_struct_na_base_pair.shear 
_ndb_struct_na_base_pair.stretch 
_ndb_struct_na_base_pair.stagger 
_ndb_struct_na_base_pair.buckle 
_ndb_struct_na_base_pair.propeller 
_ndb_struct_na_base_pair.opening 
_ndb_struct_na_base_pair.pair_number 
_ndb_struct_na_base_pair.pair_name 
_ndb_struct_na_base_pair.i_auth_asym_id 
_ndb_struct_na_base_pair.i_auth_seq_id 
_ndb_struct_na_base_pair.i_PDB_ins_code 
_ndb_struct_na_base_pair.j_auth_asym_id 
_ndb_struct_na_base_pair.j_auth_seq_id 
_ndb_struct_na_base_pair.j_PDB_ins_code 
_ndb_struct_na_base_pair.hbond_type_28 
_ndb_struct_na_base_pair.hbond_type_12 
1 A DC 1  1_555 B DG 12 1_555 0.200  -0.179 0.179  2.263  -16.161 0.739  1  A_DC1:DG24_B  A 1  ? B 24 ? 19 1 
1 A DG 2  1_555 B DC 11 1_555 -0.179 -0.179 0.206  1.947  -5.579  -2.945 2  A_DG2:DC23_B  A 2  ? B 23 ? 19 1 
1 A DC 3  1_555 B DG 10 1_555 0.218  -0.131 0.155  -1.648 -7.177  0.108  3  A_DC3:DG22_B  A 3  ? B 22 ? 19 1 
1 A DG 4  1_555 B DC 9  1_555 -0.196 -0.095 -0.011 10.478 -9.522  -0.924 4  A_DG4:DC21_B  A 4  ? B 21 ? 19 1 
1 A DA 5  1_555 B DT 8  1_555 0.063  -0.141 -0.082 7.870  -17.223 1.053  5  A_DA5:DT20_B  A 5  ? B 20 ? 20 1 
1 A DA 6  1_555 B DT 7  1_555 0.130  -0.128 0.020  3.842  -18.011 5.862  6  A_DA6:DT19_B  A 6  ? B 19 ? 20 1 
1 A DT 7  1_555 B DA 6  1_555 -0.114 -0.116 0.008  -1.463 -19.686 5.829  7  A_DT7:DA18_B  A 7  ? B 18 ? 20 1 
1 A DT 8  1_555 B DA 5  1_555 -0.074 -0.177 -0.054 -4.944 -15.109 2.626  8  A_DT8:DA17_B  A 8  ? B 17 ? 20 1 
1 A DC 9  1_555 B DG 4  1_555 0.232  -0.226 -0.006 -9.381 -10.557 -1.021 9  A_DC9:DG16_B  A 9  ? B 16 ? 19 1 
1 A DG 10 1_555 B DC 3  1_555 -0.143 -0.153 0.204  12.605 -2.253  0.825  10 A_DG10:DC15_B A 10 ? B 15 ? 19 1 
1 A DC 11 1_555 B DG 2  1_555 0.136  -0.277 0.378  5.025  -24.211 -3.018 11 A_DC11:DG14_B A 11 ? B 14 ? 19 1 
1 A DG 12 1_555 B DC 1  1_555 -0.359 -0.212 -0.221 8.623  19.602  -2.930 12 A_DG12:DC13_B A 12 ? B 13 ? 19 1 
# 
loop_
_ndb_struct_na_base_pair_step.model_number 
_ndb_struct_na_base_pair_step.i_label_asym_id_1 
_ndb_struct_na_base_pair_step.i_label_comp_id_1 
_ndb_struct_na_base_pair_step.i_label_seq_id_1 
_ndb_struct_na_base_pair_step.i_symmetry_1 
_ndb_struct_na_base_pair_step.j_label_asym_id_1 
_ndb_struct_na_base_pair_step.j_label_comp_id_1 
_ndb_struct_na_base_pair_step.j_label_seq_id_1 
_ndb_struct_na_base_pair_step.j_symmetry_1 
_ndb_struct_na_base_pair_step.i_label_asym_id_2 
_ndb_struct_na_base_pair_step.i_label_comp_id_2 
_ndb_struct_na_base_pair_step.i_label_seq_id_2 
_ndb_struct_na_base_pair_step.i_symmetry_2 
_ndb_struct_na_base_pair_step.j_label_asym_id_2 
_ndb_struct_na_base_pair_step.j_label_comp_id_2 
_ndb_struct_na_base_pair_step.j_label_seq_id_2 
_ndb_struct_na_base_pair_step.j_symmetry_2 
_ndb_struct_na_base_pair_step.shift 
_ndb_struct_na_base_pair_step.slide 
_ndb_struct_na_base_pair_step.rise 
_ndb_struct_na_base_pair_step.tilt 
_ndb_struct_na_base_pair_step.roll 
_ndb_struct_na_base_pair_step.twist 
_ndb_struct_na_base_pair_step.x_displacement 
_ndb_struct_na_base_pair_step.y_displacement 
_ndb_struct_na_base_pair_step.helical_rise 
_ndb_struct_na_base_pair_step.inclination 
_ndb_struct_na_base_pair_step.tip 
_ndb_struct_na_base_pair_step.helical_twist 
_ndb_struct_na_base_pair_step.step_number 
_ndb_struct_na_base_pair_step.step_name 
_ndb_struct_na_base_pair_step.i_auth_asym_id_1 
_ndb_struct_na_base_pair_step.i_auth_seq_id_1 
_ndb_struct_na_base_pair_step.i_PDB_ins_code_1 
_ndb_struct_na_base_pair_step.j_auth_asym_id_1 
_ndb_struct_na_base_pair_step.j_auth_seq_id_1 
_ndb_struct_na_base_pair_step.j_PDB_ins_code_1 
_ndb_struct_na_base_pair_step.i_auth_asym_id_2 
_ndb_struct_na_base_pair_step.i_auth_seq_id_2 
_ndb_struct_na_base_pair_step.i_PDB_ins_code_2 
_ndb_struct_na_base_pair_step.j_auth_asym_id_2 
_ndb_struct_na_base_pair_step.j_auth_seq_id_2 
_ndb_struct_na_base_pair_step.j_PDB_ins_code_2 
1 A DC 1  1_555 B DG 12 1_555 A DG 2  1_555 B DC 11 1_555 -0.408 0.121  3.298 -0.225 5.855   33.590 -0.736 0.660  3.275 10.036  
0.386  34.083 1  AA_DC1DG2:DC23DG24_BB   A 1  ? B 24 ? A 2  ? B 23 ? 
1 A DG 2  1_555 B DC 11 1_555 A DC 3  1_555 B DG 10 1_555 0.779  0.594  3.407 1.513  -2.640  41.758 1.118  -0.926 3.390 -3.698  
-2.120 41.864 2  AA_DG2DC3:DG22DC23_BB   A 2  ? B 23 ? A 3  ? B 22 ? 
1 A DC 3  1_555 B DG 10 1_555 A DG 4  1_555 B DC 9  1_555 -0.449 0.658  3.142 2.606  9.545   26.945 -0.805 1.489  3.131 19.661  
-5.368 28.673 3  AA_DC3DG4:DC21DG22_BB   A 3  ? B 22 ? A 4  ? B 21 ? 
1 A DG 4  1_555 B DC 9  1_555 A DA 5  1_555 B DT 8  1_555 0.054  0.116  3.354 0.960  3.278   38.342 -0.242 0.041  3.353 4.979   
-1.459 38.488 4  AA_DG4DA5:DT20DC21_BB   A 4  ? B 21 ? A 5  ? B 20 ? 
1 A DA 5  1_555 B DT 8  1_555 A DA 6  1_555 B DT 7  1_555 0.336  -0.300 3.288 -0.770 3.292   35.729 -0.958 -0.656 3.241 5.351   
1.251  35.884 5  AA_DA5DA6:DT19DT20_BB   A 5  ? B 20 ? A 6  ? B 19 ? 
1 A DA 6  1_555 B DT 7  1_555 A DT 7  1_555 B DA 6  1_555 0.107  -0.674 3.328 0.595  0.633   30.832 -1.393 -0.084 3.316 1.190   
-1.119 30.844 6  AA_DA6DT7:DA18DT19_BB   A 6  ? B 19 ? A 7  ? B 18 ? 
1 A DT 7  1_555 B DA 6  1_555 A DT 8  1_555 B DA 5  1_555 -0.306 -0.269 3.329 1.324  1.639   35.528 -0.682 0.695  3.301 2.684   
-2.167 35.588 7  AA_DT7DT8:DA17DA18_BB   A 7  ? B 18 ? A 8  ? B 17 ? 
1 A DT 8  1_555 B DA 5  1_555 A DC 9  1_555 B DG 4  1_555 -0.038 0.253  3.403 0.600  -1.101  41.174 0.483  0.122  3.395 -1.565  
-0.853 41.193 8  AA_DT8DC9:DG16DA17_BB   A 8  ? B 17 ? A 9  ? B 16 ? 
1 A DC 9  1_555 B DG 4  1_555 A DG 10 1_555 B DC 3  1_555 0.411  1.207  2.992 -2.421 6.209   25.984 1.075  -1.482 3.140 13.527  
5.274  26.811 9  AA_DC9DG10:DC15DG16_BB  A 9  ? B 16 ? A 10 ? B 15 ? 
1 A DG 10 1_555 B DC 3  1_555 A DC 11 1_555 B DG 2  1_555 -1.035 0.887  3.586 -3.810 -13.969 44.866 2.346  0.961  3.259 -17.764 
4.845  47.029 10 AA_DG10DC11:DG14DC15_BB A 10 ? B 15 ? A 11 ? B 14 ? 
1 A DC 11 1_555 B DG 2  1_555 A DG 12 1_555 B DC 1  1_555 1.456  0.680  3.503 5.148  -10.729 33.985 2.747  -1.570 3.322 -17.696 
-8.491 35.951 11 AA_DC11DG12:DC13DG14_BB A 11 ? B 14 ? A 12 ? B 13 ? 
# 
_atom_sites.entry_id                    3U05 
_atom_sites.fract_transf_matrix[1][1]   0.02435388 
_atom_sites.fract_transf_matrix[1][2]   -0.03072995 
_atom_sites.fract_transf_matrix[1][3]   -0.01357610 
_atom_sites.fract_transf_matrix[2][1]   0.01038159 
_atom_sites.fract_transf_matrix[2][2]   -0.00182397 
_atom_sites.fract_transf_matrix[2][3]   0.02275195 
_atom_sites.fract_transf_matrix[3][1]   -0.01057580 
_atom_sites.fract_transf_matrix[3][2]   -0.01015376 
_atom_sites.fract_transf_matrix[3][3]   0.00401168 
_atom_sites.fract_transf_vector[1]      0.563370 
_atom_sites.fract_transf_vector[2]      0.510571 
_atom_sites.fract_transf_vector[3]      0.137035 
# 
loop_
_atom_type.symbol 
C  
MG 
N  
O  
P  
# 
loop_
_atom_site.group_PDB 
_atom_site.id 
_atom_site.type_symbol 
_atom_site.label_atom_id 
_atom_site.label_alt_id 
_atom_site.label_comp_id 
_atom_site.label_asym_id 
_atom_site.label_entity_id 
_atom_site.label_seq_id 
_atom_site.pdbx_PDB_ins_code 
_atom_site.Cartn_x 
_atom_site.Cartn_y 
_atom_site.Cartn_z 
_atom_site.occupancy 
_atom_site.B_iso_or_equiv 
_atom_site.pdbx_formal_charge 
_atom_site.auth_seq_id 
_atom_site.auth_comp_id 
_atom_site.auth_asym_id 
_atom_site.auth_atom_id 
_atom_site.pdbx_PDB_model_num 
ATOM   1   O  "O5'" . DC  A 1 1  ? -1.256  -15.387 14.493  1.00 20.06 ? 1   DC  A "O5'" 1 
ATOM   2   C  "C5'" . DC  A 1 1  ? -2.459  -15.010 13.851  1.00 16.47 ? 1   DC  A "C5'" 1 
ATOM   3   C  "C4'" . DC  A 1 1  ? -2.472  -15.573 12.447  1.00 13.80 ? 1   DC  A "C4'" 1 
ATOM   4   O  "O4'" . DC  A 1 1  ? -3.742  -15.305 11.823  1.00 13.00 ? 1   DC  A "O4'" 1 
ATOM   5   C  "C3'" . DC  A 1 1  ? -1.419  -14.986 11.525  1.00 14.32 ? 1   DC  A "C3'" 1 
ATOM   6   O  "O3'" . DC  A 1 1  ? -0.925  -16.025 10.700  1.00 14.84 ? 1   DC  A "O3'" 1 
ATOM   7   C  "C2'" . DC  A 1 1  ? -2.191  -13.921 10.742  1.00 13.30 ? 1   DC  A "C2'" 1 
ATOM   8   C  "C1'" . DC  A 1 1  ? -3.552  -14.591 10.622  1.00 10.45 ? 1   DC  A "C1'" 1 
ATOM   9   N  N1    . DC  A 1 1  ? -4.735  -13.723 10.458  1.00 12.47 ? 1   DC  A N1    1 
ATOM   10  C  C2    . DC  A 1 1  ? -5.714  -14.126 9.554   1.00 13.89 ? 1   DC  A C2    1 
ATOM   11  O  O2    . DC  A 1 1  ? -5.496  -15.128 8.847   1.00 15.40 ? 1   DC  A O2    1 
ATOM   12  N  N3    . DC  A 1 1  ? -6.852  -13.401 9.445   1.00 13.33 ? 1   DC  A N3    1 
ATOM   13  C  C4    . DC  A 1 1  ? -7.042  -12.332 10.218  1.00 12.20 ? 1   DC  A C4    1 
ATOM   14  N  N4    . DC  A 1 1  ? -8.181  -11.659 10.062  1.00 12.43 ? 1   DC  A N4    1 
ATOM   15  C  C5    . DC  A 1 1  ? -6.064  -11.914 11.169  1.00 12.33 ? 1   DC  A C5    1 
ATOM   16  C  C6    . DC  A 1 1  ? -4.950  -12.647 11.277  1.00 13.35 ? 1   DC  A C6    1 
ATOM   17  P  P     . DG  A 1 2  ? 0.318   -15.811 9.733   1.00 16.32 ? 2   DG  A P     1 
ATOM   18  O  OP1   . DG  A 1 2  ? 1.047   -17.098 9.663   1.00 19.46 ? 2   DG  A OP1   1 
ATOM   19  O  OP2   . DG  A 1 2  ? 1.034   -14.588 10.123  1.00 17.05 ? 2   DG  A OP2   1 
ATOM   20  O  "O5'" . DG  A 1 2  ? -0.375  -15.548 8.330   1.00 14.50 ? 2   DG  A "O5'" 1 
ATOM   21  C  "C5'" . DG  A 1 2  ? -0.954  -16.633 7.622   1.00 15.75 ? 2   DG  A "C5'" 1 
ATOM   22  C  "C4'" . DG  A 1 2  ? -1.231  -16.212 6.199   1.00 13.45 ? 2   DG  A "C4'" 1 
ATOM   23  O  "O4'" . DG  A 1 2  ? -2.429  -15.397 6.148   1.00 12.19 ? 2   DG  A "O4'" 1 
ATOM   24  C  "C3'" . DG  A 1 2  ? -0.130  -15.390 5.533   1.00 13.96 ? 2   DG  A "C3'" 1 
ATOM   25  O  "O3'" . DG  A 1 2  ? -0.028  -15.852 4.189   1.00 13.91 ? 2   DG  A "O3'" 1 
ATOM   26  C  "C2'" . DG  A 1 2  ? -0.667  -13.957 5.588   1.00 11.54 ? 2   DG  A "C2'" 1 
ATOM   27  C  "C1'" . DG  A 1 2  ? -2.167  -14.183 5.495   1.00 9.72  ? 2   DG  A "C1'" 1 
ATOM   28  N  N9    . DG  A 1 2  ? -2.992  -13.184 6.160   1.00 9.34  ? 2   DG  A N9    1 
ATOM   29  C  C8    . DG  A 1 2  ? -2.710  -12.459 7.297   1.00 11.15 ? 2   DG  A C8    1 
ATOM   30  N  N7    . DG  A 1 2  ? -3.717  -11.698 7.661   1.00 9.50  ? 2   DG  A N7    1 
ATOM   31  C  C5    . DG  A 1 2  ? -4.712  -11.969 6.735   1.00 9.06  ? 2   DG  A C5    1 
ATOM   32  C  C6    . DG  A 1 2  ? -6.016  -11.447 6.611   1.00 8.64  ? 2   DG  A C6    1 
ATOM   33  O  O6    . DG  A 1 2  ? -6.583  -10.628 7.345   1.00 9.74  ? 2   DG  A O6    1 
ATOM   34  N  N1    . DG  A 1 2  ? -6.702  -11.984 5.522   1.00 8.72  ? 2   DG  A N1    1 
ATOM   35  C  C2    . DG  A 1 2  ? -6.169  -12.908 4.648   1.00 8.14  ? 2   DG  A C2    1 
ATOM   36  N  N2    . DG  A 1 2  ? -6.966  -13.326 3.659   1.00 9.04  ? 2   DG  A N2    1 
ATOM   37  N  N3    . DG  A 1 2  ? -4.943  -13.404 4.757   1.00 8.31  ? 2   DG  A N3    1 
ATOM   38  C  C4    . DG  A 1 2  ? -4.277  -12.876 5.807   1.00 8.77  ? 2   DG  A C4    1 
ATOM   39  P  P     . DC  A 1 3  ? 1.191   -15.486 3.237   1.00 14.52 ? 3   DC  A P     1 
ATOM   40  O  OP1   . DC  A 1 3  ? 1.753   -16.774 2.751   1.00 16.81 ? 3   DC  A OP1   1 
ATOM   41  O  OP2   . DC  A 1 3  ? 2.068   -14.531 3.910   1.00 16.84 ? 3   DC  A OP2   1 
ATOM   42  O  "O5'" . DC  A 1 3  ? 0.479   -14.706 2.039   1.00 15.20 ? 3   DC  A "O5'" 1 
ATOM   43  C  "C5'" . DC  A 1 3  ? -0.390  -15.419 1.180   1.00 14.33 ? 3   DC  A "C5'" 1 
ATOM   44  C  "C4'" . DC  A 1 3  ? -1.492  -14.520 0.678   1.00 12.71 ? 3   DC  A "C4'" 1 
ATOM   45  O  "O4'" . DC  A 1 3  ? -2.184  -13.945 1.790   1.00 11.83 ? 3   DC  A "O4'" 1 
ATOM   46  C  "C3'" . DC  A 1 3  ? -1.026  -13.332 -0.134  1.00 14.22 ? 3   DC  A "C3'" 1 
ATOM   47  O  "O3'" . DC  A 1 3  ? -0.910  -13.754 -1.464  1.00 15.24 ? 3   DC  A "O3'" 1 
ATOM   48  C  "C2'" . DC  A 1 3  ? -2.187  -12.350 0.020   1.00 21.43 ? 3   DC  A "C2'" 1 
ATOM   49  C  "C1'" . DC  A 1 3  ? -2.828  -12.770 1.337   1.00 13.81 ? 3   DC  A "C1'" 1 
ATOM   50  N  N1    . DC  A 1 3  ? -2.754  -11.757 2.413   1.00 9.66  ? 3   DC  A N1    1 
ATOM   51  C  C2    . DC  A 1 3  ? -3.908  -11.006 2.727   1.00 8.54  ? 3   DC  A C2    1 
ATOM   52  O  O2    . DC  A 1 3  ? -4.915  -11.143 2.033   1.00 9.74  ? 3   DC  A O2    1 
ATOM   53  N  N3    . DC  A 1 3  ? -3.857  -10.123 3.768   1.00 7.90  ? 3   DC  A N3    1 
ATOM   54  C  C4    . DC  A 1 3  ? -2.722  -9.979  4.454   1.00 8.60  ? 3   DC  A C4    1 
ATOM   55  N  N4    . DC  A 1 3  ? -2.717  -9.136  5.481   1.00 10.58 ? 3   DC  A N4    1 
ATOM   56  C  C5    . DC  A 1 3  ? -1.529  -10.710 4.118   1.00 11.01 ? 3   DC  A C5    1 
ATOM   57  C  C6    . DC  A 1 3  ? -1.598  -11.580 3.103   1.00 10.73 ? 3   DC  A C6    1 
ATOM   58  P  P     . DG  A 1 4  ? -0.259  -12.832 -2.590  1.00 17.94 ? 4   DG  A P     1 
ATOM   59  O  OP1   . DG  A 1 4  ? 0.188   -13.730 -3.692  1.00 20.53 ? 4   DG  A OP1   1 
ATOM   60  O  OP2   . DG  A 1 4  ? 0.709   -11.942 -1.955  1.00 18.45 ? 4   DG  A OP2   1 
ATOM   61  O  "O5'" . DG  A 1 4  ? -1.496  -11.955 -3.103  1.00 15.48 ? 4   DG  A "O5'" 1 
ATOM   62  C  "C5'" . DG  A 1 4  ? -2.658  -12.605 -3.557  1.00 15.56 ? 4   DG  A "C5'" 1 
ATOM   63  C  "C4'" . DG  A 1 4  ? -3.724  -11.594 -3.903  1.00 15.45 ? 4   DG  A "C4'" 1 
ATOM   64  O  "O4'" . DG  A 1 4  ? -4.124  -10.891 -2.694  1.00 14.66 ? 4   DG  A "O4'" 1 
ATOM   65  C  "C3'" . DG  A 1 4  ? -3.256  -10.533 -4.883  1.00 18.38 ? 4   DG  A "C3'" 1 
ATOM   66  O  "O3'" . DG  A 1 4  ? -4.338  -10.158 -5.711  1.00 23.26 ? 4   DG  A "O3'" 1 
ATOM   67  C  "C2'" . DG  A 1 4  ? -2.806  -9.391  -3.971  1.00 17.96 ? 4   DG  A "C2'" 1 
ATOM   68  C  "C1'" . DG  A 1 4  ? -3.783  -9.518  -2.807  1.00 14.32 ? 4   DG  A "C1'" 1 
ATOM   69  N  N9    . DG  A 1 4  ? -3.221  -9.087  -1.534  1.00 13.16 ? 4   DG  A N9    1 
ATOM   70  C  C8    . DG  A 1 4  ? -1.937  -9.281  -1.087  1.00 14.38 ? 4   DG  A C8    1 
ATOM   71  N  N7    . DG  A 1 4  ? -1.710  -8.798  0.108   1.00 14.30 ? 4   DG  A N7    1 
ATOM   72  C  C5    . DG  A 1 4  ? -2.925  -8.203  0.468   1.00 9.01  ? 4   DG  A C5    1 
ATOM   73  C  C6    . DG  A 1 4  ? -3.280  -7.488  1.645   1.00 9.17  ? 4   DG  A C6    1 
ATOM   74  O  O6    . DG  A 1 4  ? -2.587  -7.250  2.643   1.00 10.32 ? 4   DG  A O6    1 
ATOM   75  N  N1    . DG  A 1 4  ? -4.602  -7.060  1.597   1.00 11.26 ? 4   DG  A N1    1 
ATOM   76  C  C2    . DG  A 1 4  ? -5.479  -7.283  0.559   1.00 9.78  ? 4   DG  A C2    1 
ATOM   77  N  N2    . DG  A 1 4  ? -6.714  -6.784  0.703   1.00 12.41 ? 4   DG  A N2    1 
ATOM   78  N  N3    . DG  A 1 4  ? -5.156  -7.954  -0.549  1.00 10.96 ? 4   DG  A N3    1 
ATOM   79  C  C4    . DG  A 1 4  ? -3.865  -8.369  -0.530  1.00 10.92 ? 4   DG  A C4    1 
ATOM   80  P  P     . DA  A 1 5  ? -4.183  -8.998  -6.820  1.00 24.05 ? 5   DA  A P     1 
ATOM   81  O  OP1   . DA  A 1 5  ? -4.917  -9.456  -8.016  1.00 29.35 ? 5   DA  A OP1   1 
ATOM   82  O  OP2   . DA  A 1 5  ? -2.771  -8.576  -6.915  1.00 29.38 ? 5   DA  A OP2   1 
ATOM   83  O  "O5'" . DA  A 1 5  ? -5.014  -7.792  -6.172  1.00 18.71 ? 5   DA  A "O5'" 1 
ATOM   84  C  "C5'" . DA  A 1 5  ? -6.349  -7.980  -5.823  1.00 18.32 ? 5   DA  A "C5'" 1 
ATOM   85  C  "C4'" . DA  A 1 5  ? -6.889  -6.705  -5.210  1.00 13.13 ? 5   DA  A "C4'" 1 
ATOM   86  O  "O4'" . DA  A 1 5  ? -6.219  -6.448  -3.956  1.00 14.52 ? 5   DA  A "O4'" 1 
ATOM   87  C  "C3'" . DA  A 1 5  ? -6.704  -5.447  -6.063  1.00 12.22 ? 5   DA  A "C3'" 1 
ATOM   88  O  "O3'" . DA  A 1 5  ? -7.908  -4.690  -5.978  1.00 12.13 ? 5   DA  A "O3'" 1 
ATOM   89  C  "C2'" . DA  A 1 5  ? -5.506  -4.753  -5.409  1.00 13.86 ? 5   DA  A "C2'" 1 
ATOM   90  C  "C1'" . DA  A 1 5  ? -5.668  -5.148  -3.949  1.00 10.74 ? 5   DA  A "C1'" 1 
ATOM   91  N  N9    . DA  A 1 5  ? -4.440  -5.203  -3.173  1.00 9.77  ? 5   DA  A N9    1 
ATOM   92  C  C8    . DA  A 1 5  ? -3.266  -5.796  -3.547  1.00 11.22 ? 5   DA  A C8    1 
ATOM   93  N  N7    . DA  A 1 5  ? -2.352  -5.801  -2.595  1.00 11.53 ? 5   DA  A N7    1 
ATOM   94  C  C5    . DA  A 1 5  ? -2.942  -5.139  -1.551  1.00 9.25  ? 5   DA  A C5    1 
ATOM   95  C  C6    . DA  A 1 5  ? -2.492  -4.816  -0.265  1.00 7.92  ? 5   DA  A C6    1 
ATOM   96  N  N6    . DA  A 1 5  ? -1.270  -5.113  0.190   1.00 11.25 ? 5   DA  A N6    1 
ATOM   97  N  N1    . DA  A 1 5  ? -3.349  -4.153  0.545   1.00 9.93  ? 5   DA  A N1    1 
ATOM   98  C  C2    . DA  A 1 5  ? -4.589  -3.899  0.104   1.00 10.14 ? 5   DA  A C2    1 
ATOM   99  N  N3    . DA  A 1 5  ? -5.141  -4.167  -1.072  1.00 9.59  ? 5   DA  A N3    1 
ATOM   100 C  C4    . DA  A 1 5  ? -4.260  -4.807  -1.867  1.00 9.49  ? 5   DA  A C4    1 
ATOM   101 P  P     . DA  A 1 6  ? -8.116  -3.237  -6.626  1.00 12.58 ? 6   DA  A P     1 
ATOM   102 O  OP1   . DA  A 1 6  ? -9.585  -3.115  -6.863  1.00 13.45 ? 6   DA  A OP1   1 
ATOM   103 O  OP2   . DA  A 1 6  ? -7.187  -3.028  -7.726  1.00 12.56 ? 6   DA  A OP2   1 
ATOM   104 O  "O5'" . DA  A 1 6  ? -7.662  -2.256  -5.453  1.00 11.33 ? 6   DA  A "O5'" 1 
ATOM   105 C  "C5'" . DA  A 1 6  ? -8.461  -2.114  -4.307  1.00 11.46 ? 6   DA  A "C5'" 1 
ATOM   106 C  "C4'" . DA  A 1 6  ? -7.908  -1.015  -3.455  1.00 10.36 ? 6   DA  A "C4'" 1 
ATOM   107 O  "O4'" . DA  A 1 6  ? -6.678  -1.456  -2.854  1.00 11.30 ? 6   DA  A "O4'" 1 
ATOM   108 C  "C3'" . DA  A 1 6  ? -7.596  0.275   -4.204  1.00 10.44 ? 6   DA  A "C3'" 1 
ATOM   109 O  "O3'" . DA  A 1 6  ? -8.310  1.299   -3.531  1.00 11.02 ? 6   DA  A "O3'" 1 
ATOM   110 C  "C2'" . DA  A 1 6  ? -6.069  0.424   -4.116  1.00 10.39 ? 6   DA  A "C2'" 1 
ATOM   111 C  "C1'" . DA  A 1 6  ? -5.729  -0.406  -2.881  1.00 10.59 ? 6   DA  A "C1'" 1 
ATOM   112 N  N9    . DA  A 1 6  ? -4.402  -1.011  -2.904  1.00 9.47  ? 6   DA  A N9    1 
ATOM   113 C  C8    . DA  A 1 6  ? -3.831  -1.704  -3.933  1.00 9.91  ? 6   DA  A C8    1 
ATOM   114 N  N7    . DA  A 1 6  ? -2.633  -2.167  -3.652  1.00 10.94 ? 6   DA  A N7    1 
ATOM   115 C  C5    . DA  A 1 6  ? -2.416  -1.781  -2.342  1.00 9.20  ? 6   DA  A C5    1 
ATOM   116 C  C6    . DA  A 1 6  ? -1.332  -1.965  -1.441  1.00 9.35  ? 6   DA  A C6    1 
ATOM   117 N  N6    . DA  A 1 6  ? -0.221  -2.640  -1.753  1.00 10.86 ? 6   DA  A N6    1 
ATOM   118 N  N1    . DA  A 1 6  ? -1.451  -1.428  -0.213  1.00 9.95  ? 6   DA  A N1    1 
ATOM   119 C  C2    . DA  A 1 6  ? -2.565  -0.758  0.114   1.00 9.95  ? 6   DA  A C2    1 
ATOM   120 N  N3    . DA  A 1 6  ? -3.645  -0.523  -0.639  1.00 10.02 ? 6   DA  A N3    1 
ATOM   121 C  C4    . DA  A 1 6  ? -3.510  -1.072  -1.859  1.00 10.27 ? 6   DA  A C4    1 
ATOM   122 P  P     . DT  A 1 7  ? -8.230  2.847   -3.913  1.00 11.49 ? 7   DT  A P     1 
ATOM   123 O  OP1   . DT  A 1 7  ? -9.528  3.440   -3.511  1.00 13.05 ? 7   DT  A OP1   1 
ATOM   124 O  OP2   . DT  A 1 7  ? -7.737  3.019   -5.274  1.00 11.82 ? 7   DT  A OP2   1 
ATOM   125 O  "O5'" . DT  A 1 7  ? -7.093  3.372   -2.938  1.00 11.16 ? 7   DT  A "O5'" 1 
ATOM   126 C  "C5'" . DT  A 1 7  ? -7.266  3.237   -1.552  1.00 12.27 ? 7   DT  A "C5'" 1 
ATOM   127 C  "C4'" . DT  A 1 7  ? -5.982  3.607   -0.845  1.00 13.49 ? 7   DT  A "C4'" 1 
ATOM   128 O  "O4'" . DT  A 1 7  ? -4.933  2.706   -1.241  1.00 12.32 ? 7   DT  A "O4'" 1 
ATOM   129 C  "C3'" . DT  A 1 7  ? -5.460  5.002   -1.175  1.00 13.84 ? 7   DT  A "C3'" 1 
ATOM   130 O  "O3'" . DT  A 1 7  ? -5.647  5.797   -0.026  1.00 14.07 ? 7   DT  A "O3'" 1 
ATOM   131 C  "C2'" . DT  A 1 7  ? -3.978  4.795   -1.546  1.00 13.19 ? 7   DT  A "C2'" 1 
ATOM   132 C  "C1'" . DT  A 1 7  ? -3.713  3.373   -1.070  1.00 11.81 ? 7   DT  A "C1'" 1 
ATOM   133 N  N1    . DT  A 1 7  ? -2.673  2.640   -1.805  1.00 11.10 ? 7   DT  A N1    1 
ATOM   134 C  C2    . DT  A 1 7  ? -1.524  2.250   -1.139  1.00 10.53 ? 7   DT  A C2    1 
ATOM   135 O  O2    . DT  A 1 7  ? -1.301  2.534   0.020   1.00 13.38 ? 7   DT  A O2    1 
ATOM   136 N  N3    . DT  A 1 7  ? -0.653  1.518   -1.869  1.00 10.23 ? 7   DT  A N3    1 
ATOM   137 C  C4    . DT  A 1 7  ? -0.786  1.127   -3.177  1.00 9.32  ? 7   DT  A C4    1 
ATOM   138 O  O4    . DT  A 1 7  ? 0.061   0.428   -3.713  1.00 10.54 ? 7   DT  A O4    1 
ATOM   139 C  C5    . DT  A 1 7  ? -2.009  1.560   -3.831  1.00 9.18  ? 7   DT  A C5    1 
ATOM   140 C  C7    . DT  A 1 7  ? -2.260  1.222   -5.274  1.00 14.01 ? 7   DT  A C7    1 
ATOM   141 C  C6    . DT  A 1 7  ? -2.872  2.295   -3.128  1.00 8.94  ? 7   DT  A C6    1 
ATOM   142 P  P     . DT  A 1 8  ? -5.369  7.377   -0.013  1.00 14.52 ? 8   DT  A P     1 
ATOM   143 O  OP1   . DT  A 1 8  ? -6.207  7.949   1.064   1.00 17.87 ? 8   DT  A OP1   1 
ATOM   144 O  OP2   . DT  A 1 8  ? -5.460  7.898   -1.385  1.00 15.27 ? 8   DT  A OP2   1 
ATOM   145 O  "O5'" . DT  A 1 8  ? -3.840  7.450   0.424   1.00 13.77 ? 8   DT  A "O5'" 1 
ATOM   146 C  "C5'" . DT  A 1 8  ? -3.493  6.984   1.711   1.00 15.45 ? 8   DT  A "C5'" 1 
ATOM   147 C  "C4'" . DT  A 1 8  ? -1.995  7.012   1.871   1.00 15.24 ? 8   DT  A "C4'" 1 
ATOM   148 O  "O4'" . DT  A 1 8  ? -1.395  6.087   0.953   1.00 14.77 ? 8   DT  A "O4'" 1 
ATOM   149 C  "C3'" . DT  A 1 8  ? -1.364  8.365   1.586   1.00 18.49 ? 8   DT  A "C3'" 1 
ATOM   150 O  "O3'" . DT  A 1 8  ? -0.888  8.843   2.840   1.00 18.21 ? 8   DT  A "O3'" 1 
ATOM   151 C  "C2'" . DT  A 1 8  ? -0.233  8.068   0.575   1.00 16.55 ? 8   DT  A "C2'" 1 
ATOM   152 C  "C1'" . DT  A 1 8  ? -0.107  6.550   0.635   1.00 13.17 ? 8   DT  A "C1'" 1 
ATOM   153 N  N1    . DT  A 1 8  ? 0.293   5.885   -0.623  1.00 12.80 ? 8   DT  A N1    1 
ATOM   154 C  C2    . DT  A 1 8  ? 1.422   5.091   -0.628  1.00 13.75 ? 8   DT  A C2    1 
ATOM   155 O  O2    . DT  A 1 8  ? 2.192   5.014   0.319   1.00 13.50 ? 8   DT  A O2    1 
ATOM   156 N  N3    . DT  A 1 8  ? 1.674   4.451   -1.805  1.00 12.25 ? 8   DT  A N3    1 
ATOM   157 C  C4    . DT  A 1 8  ? 0.893   4.478   -2.950  1.00 11.60 ? 8   DT  A C4    1 
ATOM   158 O  O4    . DT  A 1 8  ? 1.198   3.836   -3.934  1.00 13.55 ? 8   DT  A O4    1 
ATOM   159 C  C5    . DT  A 1 8  ? -0.276  5.322   -2.881  1.00 12.17 ? 8   DT  A C5    1 
ATOM   160 C  C7    . DT  A 1 8  ? -1.170  5.465   -4.085  1.00 15.99 ? 8   DT  A C7    1 
ATOM   161 C  C6    . DT  A 1 8  ? -0.527  5.972   -1.733  1.00 13.34 ? 8   DT  A C6    1 
ATOM   162 P  P     . DC  A 1 9  ? -0.131  10.243  3.018   1.00 18.91 ? 9   DC  A P     1 
ATOM   163 O  OP1   . DC  A 1 9  ? -0.389  10.699  4.411   1.00 21.47 ? 9   DC  A OP1   1 
ATOM   164 O  OP2   . DC  A 1 9  ? -0.442  11.106  1.879   1.00 20.76 ? 9   DC  A OP2   1 
ATOM   165 O  "O5'" . DC  A 1 9  ? 1.397   9.829   2.887   1.00 16.53 ? 9   DC  A "O5'" 1 
ATOM   166 C  "C5'" . DC  A 1 9  ? 1.936   8.846   3.748   1.00 16.80 ? 9   DC  A "C5'" 1 
ATOM   167 C  "C4'" . DC  A 1 9  ? 3.356   8.542   3.340   1.00 21.13 ? 9   DC  A "C4'" 1 
ATOM   168 O  "O4'" . DC  A 1 9  ? 3.323   7.872   2.061   1.00 17.60 ? 9   DC  A "O4'" 1 
ATOM   169 C  "C3'" . DC  A 1 9  ? 4.223   9.786   3.146   1.00 21.97 ? 9   DC  A "C3'" 1 
ATOM   170 O  "O3'" . DC  A 1 9  ? 5.236   9.805   4.143   1.00 20.42 ? 9   DC  A "O3'" 1 
ATOM   171 C  "C2'" . DC  A 1 9  ? 4.805   9.662   1.730   1.00 19.76 ? 9   DC  A "C2'" 1 
ATOM   172 C  "C1'" . DC  A 1 9  ? 4.469   8.234   1.324   1.00 15.60 ? 9   DC  A "C1'" 1 
ATOM   173 N  N1    . DC  A 1 9  ? 4.100   8.079   -0.069  1.00 14.38 ? 9   DC  A N1    1 
ATOM   174 C  C2    . DC  A 1 9  ? 4.767   7.139   -0.843  1.00 12.27 ? 9   DC  A C2    1 
ATOM   175 O  O2    . DC  A 1 9  ? 5.766   6.559   -0.361  1.00 14.79 ? 9   DC  A O2    1 
ATOM   176 N  N3    . DC  A 1 9  ? 4.334   6.928   -2.110  1.00 13.63 ? 9   DC  A N3    1 
ATOM   177 C  C4    . DC  A 1 9  ? 3.245   7.580   -2.568  1.00 12.06 ? 9   DC  A C4    1 
ATOM   178 N  N4    . DC  A 1 9  ? 2.826   7.316   -3.806  1.00 14.92 ? 9   DC  A N4    1 
ATOM   179 C  C5    . DC  A 1 9  ? 2.554   8.532   -1.775  1.00 14.62 ? 9   DC  A C5    1 
ATOM   180 C  C6    . DC  A 1 9  ? 2.987   8.725   -0.532  1.00 15.19 ? 9   DC  A C6    1 
ATOM   181 P  P     . DG  A 1 10 ? 5.965   11.172  4.580   1.00 24.24 ? 10  DG  A P     1 
ATOM   182 O  OP1   . DG  A 1 10 ? 6.397   10.992  5.983   1.00 27.01 ? 10  DG  A OP1   1 
ATOM   183 O  OP2   . DG  A 1 10 ? 5.117   12.325  4.208   1.00 24.38 ? 10  DG  A OP2   1 
ATOM   184 O  "O5'" . DG  A 1 10 ? 7.253   11.204  3.630   1.00 21.97 ? 10  DG  A "O5'" 1 
ATOM   185 C  "C5'" . DG  A 1 10 ? 8.249   10.195  3.761   1.00 21.92 ? 10  DG  A "C5'" 1 
ATOM   186 C  "C4'" . DG  A 1 10 ? 9.196   10.229  2.582   1.00 19.27 ? 10  DG  A "C4'" 1 
ATOM   187 O  "O4'" . DG  A 1 10 ? 8.457   9.869   1.379   1.00 20.47 ? 10  DG  A "O4'" 1 
ATOM   188 C  "C3'" . DG  A 1 10 ? 9.808   11.602  2.290   1.00 25.16 ? 10  DG  A "C3'" 1 
ATOM   189 O  "O3'" . DG  A 1 10 ? 11.106  11.441  1.715   1.00 24.90 ? 10  DG  A "O3'" 1 
ATOM   190 C  "C2'" . DG  A 1 10 ? 8.840   12.148  1.249   1.00 21.41 ? 10  DG  A "C2'" 1 
ATOM   191 C  "C1'" . DG  A 1 10 ? 8.657   10.885  0.430   1.00 19.63 ? 10  DG  A "C1'" 1 
ATOM   192 N  N9    . DG  A 1 10 ? 7.533   10.898  -0.499  1.00 18.34 ? 10  DG  A N9    1 
ATOM   193 C  C8    . DG  A 1 10 ? 6.388   11.655  -0.436  1.00 20.87 ? 10  DG  A C8    1 
ATOM   194 N  N7    . DG  A 1 10 ? 5.555   11.419  -1.414  1.00 18.23 ? 10  DG  A N7    1 
ATOM   195 C  C5    . DG  A 1 10 ? 6.191   10.441  -2.168  1.00 16.05 ? 10  DG  A C5    1 
ATOM   196 C  C6    . DG  A 1 10 ? 5.789   9.788   -3.357  1.00 13.48 ? 10  DG  A C6    1 
ATOM   197 O  O6    . DG  A 1 10 ? 4.764   9.965   -4.019  1.00 17.14 ? 10  DG  A O6    1 
ATOM   198 N  N1    . DG  A 1 10 ? 6.726   8.855   -3.783  1.00 13.05 ? 10  DG  A N1    1 
ATOM   199 C  C2    . DG  A 1 10 ? 7.921   8.603   -3.152  1.00 14.11 ? 10  DG  A C2    1 
ATOM   200 N  N2    . DG  A 1 10 ? 8.721   7.689   -3.712  1.00 15.35 ? 10  DG  A N2    1 
ATOM   201 N  N3    . DG  A 1 10 ? 8.298   9.189   -2.022  1.00 17.13 ? 10  DG  A N3    1 
ATOM   202 C  C4    . DG  A 1 10 ? 7.399   10.100  -1.605  1.00 15.80 ? 10  DG  A C4    1 
ATOM   203 P  P     . DC  A 1 11 ? 12.435  11.459  2.617   1.00 29.86 ? 11  DC  A P     1 
ATOM   204 O  OP1   . DC  A 1 11 ? 12.101  10.910  3.953   1.00 33.93 ? 11  DC  A OP1   1 
ATOM   205 O  OP2   . DC  A 1 11 ? 13.024  12.810  2.495   1.00 32.96 ? 11  DC  A OP2   1 
ATOM   206 O  "O5'" . DC  A 1 11 ? 13.383  10.406  1.843   1.00 29.00 ? 11  DC  A "O5'" 1 
ATOM   207 C  "C5'" . DC  A 1 11 ? 13.126  8.988   1.961   1.00 27.33 ? 11  DC  A "C5'" 1 
ATOM   208 C  "C4'" . DC  A 1 11 ? 13.426  8.197   0.683   1.00 29.30 ? 11  DC  A "C4'" 1 
ATOM   209 O  "O4'" . DC  A 1 11 ? 12.450  8.481   -0.354  1.00 25.72 ? 11  DC  A "O4'" 1 
ATOM   210 C  "C3'" . DC  A 1 11 ? 14.778  8.423   0.024   1.00 23.75 ? 11  DC  A "C3'" 1 
ATOM   211 O  "O3'" . DC  A 1 11 ? 15.167  7.223   -0.648  1.00 26.79 ? 11  DC  A "O3'" 1 
ATOM   212 C  "C2'" . DC  A 1 11 ? 14.452  9.532   -0.976  1.00 22.96 ? 11  DC  A "C2'" 1 
ATOM   213 C  "C1'" . DC  A 1 11 ? 13.097  9.058   -1.483  1.00 23.79 ? 11  DC  A "C1'" 1 
ATOM   214 N  N1    . DC  A 1 11 ? 12.197  10.121  -1.970  1.00 21.17 ? 11  DC  A N1    1 
ATOM   215 C  C2    . DC  A 1 11 ? 11.468  9.902   -3.136  1.00 15.03 ? 11  DC  A C2    1 
ATOM   216 O  O2    . DC  A 1 11 ? 11.662  8.864   -3.774  1.00 16.35 ? 11  DC  A O2    1 
ATOM   217 N  N3    . DC  A 1 11 ? 10.540  10.819  -3.513  1.00 17.77 ? 11  DC  A N3    1 
ATOM   218 C  C4    . DC  A 1 11 ? 10.365  11.931  -2.800  1.00 18.93 ? 11  DC  A C4    1 
ATOM   219 N  N4    . DC  A 1 11 ? 9.448   12.810  -3.222  1.00 19.65 ? 11  DC  A N4    1 
ATOM   220 C  C5    . DC  A 1 11 ? 11.082  12.160  -1.590  1.00 19.47 ? 11  DC  A C5    1 
ATOM   221 C  C6    . DC  A 1 11 ? 11.974  11.235  -1.216  1.00 21.60 ? 11  DC  A C6    1 
ATOM   222 P  P     . DG  A 1 12 ? 16.709  6.955   -0.988  1.00 23.34 ? 12  DG  A P     1 
ATOM   223 O  OP1   . DG  A 1 12 ? 16.888  5.505   -1.255  1.00 29.08 ? 12  DG  A OP1   1 
ATOM   224 O  OP2   . DG  A 1 12 ? 17.525  7.630   0.037   1.00 24.69 ? 12  DG  A OP2   1 
ATOM   225 O  "O5'" . DG  A 1 12 ? 16.941  7.755   -2.347  1.00 18.64 ? 12  DG  A "O5'" 1 
ATOM   226 C  "C5'" . DG  A 1 12 ? 16.581  7.163   -3.580  1.00 19.35 ? 12  DG  A "C5'" 1 
ATOM   227 C  "C4'" . DG  A 1 12 ? 16.604  8.205   -4.674  1.00 15.02 ? 12  DG  A "C4'" 1 
ATOM   228 O  "O4'" . DG  A 1 12 ? 15.551  9.153   -4.453  1.00 15.62 ? 12  DG  A "O4'" 1 
ATOM   229 C  "C3'" . DG  A 1 12 ? 17.871  9.053   -4.727  1.00 16.10 ? 12  DG  A "C3'" 1 
ATOM   230 O  "O3'" . DG  A 1 12 ? 18.739  8.537   -5.723  1.00 8.33  ? 12  DG  A "O3'" 1 
ATOM   231 C  "C2'" . DG  A 1 12 ? 17.376  10.477  -5.063  1.00 15.30 ? 12  DG  A "C2'" 1 
ATOM   232 C  "C1'" . DG  A 1 12 ? 15.870  10.282  -5.213  1.00 13.11 ? 12  DG  A "C1'" 1 
ATOM   233 N  N9    . DG  A 1 12 ? 15.072  11.391  -4.716  1.00 12.49 ? 12  DG  A N9    1 
ATOM   234 C  C8    . DG  A 1 12 ? 15.241  12.093  -3.546  1.00 11.83 ? 12  DG  A C8    1 
ATOM   235 N  N7    . DG  A 1 12 ? 14.337  13.015  -3.365  1.00 15.14 ? 12  DG  A N7    1 
ATOM   236 C  C5    . DG  A 1 12 ? 13.506  12.887  -4.469  1.00 15.95 ? 12  DG  A C5    1 
ATOM   237 C  C6    . DG  A 1 12 ? 12.349  13.607  -4.823  1.00 13.27 ? 12  DG  A C6    1 
ATOM   238 O  O6    . DG  A 1 12 ? 11.819  14.549  -4.210  1.00 16.13 ? 12  DG  A O6    1 
ATOM   239 N  N1    . DG  A 1 12 ? 11.783  13.151  -6.013  1.00 11.67 ? 12  DG  A N1    1 
ATOM   240 C  C2    . DG  A 1 12 ? 12.315  12.145  -6.786  1.00 9.70  ? 12  DG  A C2    1 
ATOM   241 N  N2    . DG  A 1 12 ? 11.695  11.901  -7.927  1.00 10.18 ? 12  DG  A N2    1 
ATOM   242 N  N3    . DG  A 1 12 ? 13.407  11.459  -6.462  1.00 10.47 ? 12  DG  A N3    1 
ATOM   243 C  C4    . DG  A 1 12 ? 13.947  11.887  -5.299  1.00 11.62 ? 12  DG  A C4    1 
ATOM   244 O  "O5'" . DC  B 1 1  ? 6.688   17.884  -12.417 1.00 32.95 ? 13  DC  B "O5'" 1 
ATOM   245 C  "C5'" . DC  B 1 1  ? 5.751   17.114  -11.676 1.00 22.62 ? 13  DC  B "C5'" 1 
ATOM   246 C  "C4'" . DC  B 1 1  ? 6.182   15.659  -11.624 1.00 18.85 ? 13  DC  B "C4'" 1 
ATOM   247 O  "O4'" . DC  B 1 1  ? 7.424   15.544  -10.871 1.00 15.66 ? 13  DC  B "O4'" 1 
ATOM   248 C  "C3'" . DC  B 1 1  ? 5.199   14.724  -10.925 1.00 17.41 ? 13  DC  B "C3'" 1 
ATOM   249 O  "O3'" . DC  B 1 1  ? 5.355   13.418  -11.432 1.00 18.91 ? 13  DC  B "O3'" 1 
ATOM   250 C  "C2'" . DC  B 1 1  ? 5.707   14.781  -9.498  1.00 16.51 ? 13  DC  B "C2'" 1 
ATOM   251 C  "C1'" . DC  B 1 1  ? 7.209   14.727  -9.748  1.00 13.19 ? 13  DC  B "C1'" 1 
ATOM   252 N  N1    . DC  B 1 1  ? 8.027   15.261  -8.625  1.00 13.59 ? 13  DC  B N1    1 
ATOM   253 C  C2    . DC  B 1 1  ? 8.981   14.437  -8.020  1.00 14.90 ? 13  DC  B C2    1 
ATOM   254 O  O2    . DC  B 1 1  ? 9.169   13.295  -8.478  1.00 11.06 ? 13  DC  B O2    1 
ATOM   255 N  N3    . DC  B 1 1  ? 9.708   14.925  -6.986  1.00 10.93 ? 13  DC  B N3    1 
ATOM   256 C  C4    . DC  B 1 1  ? 9.508   16.174  -6.562  1.00 10.91 ? 13  DC  B C4    1 
ATOM   257 N  N4    . DC  B 1 1  ? 10.251  16.613  -5.545  1.00 12.06 ? 13  DC  B N4    1 
ATOM   258 C  C5    . DC  B 1 1  ? 8.531   17.026  -7.155  1.00 14.87 ? 13  DC  B C5    1 
ATOM   259 C  C6    . DC  B 1 1  ? 7.814   16.538  -8.169  1.00 13.69 ? 13  DC  B C6    1 
ATOM   260 P  P     . DG  B 1 2  ? 4.234   12.734  -12.343 1.00 18.91 ? 14  DG  B P     1 
ATOM   261 O  OP1   . DG  B 1 2  ? 4.101   13.528  -13.578 1.00 21.51 ? 14  DG  B OP1   1 
ATOM   262 O  OP2   . DG  B 1 2  ? 3.046   12.431  -11.515 1.00 24.15 ? 14  DG  B OP2   1 
ATOM   263 O  "O5'" . DG  B 1 2  ? 4.928   11.352  -12.709 1.00 17.78 ? 14  DG  B "O5'" 1 
ATOM   264 C  "C5'" . DG  B 1 2  ? 6.153   11.354  -13.464 1.00 18.21 ? 14  DG  B "C5'" 1 
ATOM   265 C  "C4'" . DG  B 1 2  ? 7.050   10.263  -12.948 1.00 16.07 ? 14  DG  B "C4'" 1 
ATOM   266 O  "O4'" . DG  B 1 2  ? 7.657   10.695  -11.707 1.00 17.07 ? 14  DG  B "O4'" 1 
ATOM   267 C  "C3'" . DG  B 1 2  ? 6.313   8.959   -12.665 1.00 21.18 ? 14  DG  B "C3'" 1 
ATOM   268 O  "O3'" . DG  B 1 2  ? 6.895   7.902   -13.384 1.00 16.27 ? 14  DG  B "O3'" 1 
ATOM   269 C  "C2'" . DG  B 1 2  ? 6.427   8.753   -11.161 1.00 22.92 ? 14  DG  B "C2'" 1 
ATOM   270 C  "C1'" . DG  B 1 2  ? 7.597   9.651   -10.753 1.00 19.53 ? 14  DG  B "C1'" 1 
ATOM   271 N  N9    . DG  B 1 2  ? 7.364   10.296  -9.462  1.00 14.92 ? 14  DG  B N9    1 
ATOM   272 C  C8    . DG  B 1 2  ? 6.313   11.131  -9.178  1.00 15.89 ? 14  DG  B C8    1 
ATOM   273 N  N7    . DG  B 1 2  ? 6.303   11.558  -7.949  1.00 16.18 ? 14  DG  B N7    1 
ATOM   274 C  C5    . DG  B 1 2  ? 7.417   10.963  -7.376  1.00 12.19 ? 14  DG  B C5    1 
ATOM   275 C  C6    . DG  B 1 2  ? 7.943   11.112  -6.074  1.00 12.64 ? 14  DG  B C6    1 
ATOM   276 O  O6    . DG  B 1 2  ? 7.493   11.812  -5.148  1.00 14.20 ? 14  DG  B O6    1 
ATOM   277 N  N1    . DG  B 1 2  ? 9.106   10.362  -5.888  1.00 11.47 ? 14  DG  B N1    1 
ATOM   278 C  C2    . DG  B 1 2  ? 9.700   9.570   -6.852  1.00 10.63 ? 14  DG  B C2    1 
ATOM   279 N  N2    . DG  B 1 2  ? 10.806  8.914   -6.491  1.00 12.57 ? 14  DG  B N2    1 
ATOM   280 N  N3    . DG  B 1 2  ? 9.231   9.455   -8.097  1.00 12.06 ? 14  DG  B N3    1 
ATOM   281 C  C4    . DG  B 1 2  ? 8.102   10.193  -8.296  1.00 11.77 ? 14  DG  B C4    1 
ATOM   282 P  P     . DC  B 1 3  ? 6.225   6.454   -13.391 1.00 18.87 ? 15  DC  B P     1 
ATOM   283 O  OP1   . DC  B 1 3  ? 6.602   5.811   -14.669 1.00 19.27 ? 15  DC  B OP1   1 
ATOM   284 O  OP2   . DC  B 1 3  ? 4.791   6.603   -13.027 1.00 24.63 ? 15  DC  B OP2   1 
ATOM   285 O  "O5'" . DC  B 1 3  ? 6.952   5.708   -12.195 1.00 16.54 ? 15  DC  B "O5'" 1 
ATOM   286 C  "C5'" . DC  B 1 3  ? 8.356   5.447   -12.254 1.00 17.08 ? 15  DC  B "C5'" 1 
ATOM   287 C  "C4'" . DC  B 1 3  ? 8.857   5.053   -10.886 1.00 16.83 ? 15  DC  B "C4'" 1 
ATOM   288 O  "O4'" . DC  B 1 3  ? 8.585   6.124   -9.973  1.00 16.48 ? 15  DC  B "O4'" 1 
ATOM   289 C  "C3'" . DC  B 1 3  ? 8.143   3.846   -10.301 1.00 17.94 ? 15  DC  B "C3'" 1 
ATOM   290 O  "O3'" . DC  B 1 3  ? 8.874   2.704   -10.624 1.00 18.77 ? 15  DC  B "O3'" 1 
ATOM   291 C  "C2'" . DC  B 1 3  ? 8.168   4.095   -8.796  1.00 20.54 ? 15  DC  B "C2'" 1 
ATOM   292 C  "C1'" . DC  B 1 3  ? 8.349   5.606   -8.687  1.00 17.50 ? 15  DC  B "C1'" 1 
ATOM   293 N  N1    . DC  B 1 3  ? 7.215   6.339   -8.128  1.00 15.94 ? 15  DC  B N1    1 
ATOM   294 C  C2    . DC  B 1 3  ? 7.327   6.854   -6.843  1.00 12.60 ? 15  DC  B C2    1 
ATOM   295 O  O2    . DC  B 1 3  ? 8.361   6.609   -6.207  1.00 14.01 ? 15  DC  B O2    1 
ATOM   296 N  N3    . DC  B 1 3  ? 6.323   7.625   -6.356  1.00 13.21 ? 15  DC  B N3    1 
ATOM   297 C  C4    . DC  B 1 3  ? 5.216   7.835   -7.082  1.00 14.61 ? 15  DC  B C4    1 
ATOM   298 N  N4    . DC  B 1 3  ? 4.255   8.596   -6.557  1.00 16.19 ? 15  DC  B N4    1 
ATOM   299 C  C5    . DC  B 1 3  ? 5.091   7.323   -8.409  1.00 19.04 ? 15  DC  B C5    1 
ATOM   300 C  C6    . DC  B 1 3  ? 6.097   6.578   -8.881  1.00 18.59 ? 15  DC  B C6    1 
ATOM   301 P  P     . DG  B 1 4  ? 8.299   1.257   -10.288 1.00 20.58 ? 16  DG  B P     1 
ATOM   302 O  OP1   . DG  B 1 4  ? 8.892   0.302   -11.259 1.00 27.10 ? 16  DG  B OP1   1 
ATOM   303 O  OP2   . DG  B 1 4  ? 6.827   1.350   -10.145 1.00 24.13 ? 16  DG  B OP2   1 
ATOM   304 O  "O5'" . DG  B 1 4  ? 8.907   0.937   -8.848  1.00 20.40 ? 16  DG  B "O5'" 1 
ATOM   305 C  "C5'" . DG  B 1 4  ? 10.283  1.079   -8.605  1.00 22.16 ? 16  DG  B "C5'" 1 
ATOM   306 C  "C4'" . DG  B 1 4  ? 10.544  0.982   -7.120  1.00 20.53 ? 16  DG  B "C4'" 1 
ATOM   307 O  "O4'" . DG  B 1 4  ? 9.807   2.020   -6.429  1.00 18.86 ? 16  DG  B "O4'" 1 
ATOM   308 C  "C3'" . DG  B 1 4  ? 10.121  -0.335  -6.487  1.00 22.81 ? 16  DG  B "C3'" 1 
ATOM   309 O  "O3'" . DG  B 1 4  ? 11.063  -0.649  -5.473  1.00 26.19 ? 16  DG  B "O3'" 1 
ATOM   310 C  "C2'" . DG  B 1 4  ? 8.719   -0.030  -5.943  1.00 21.56 ? 16  DG  B "C2'" 1 
ATOM   311 C  "C1'" . DG  B 1 4  ? 8.822   1.452   -5.588  1.00 18.14 ? 16  DG  B "C1'" 1 
ATOM   312 N  N9    . DG  B 1 4  ? 7.578   2.212   -5.757  1.00 16.66 ? 16  DG  B N9    1 
ATOM   313 C  C8    . DG  B 1 4  ? 6.629   2.087   -6.753  1.00 15.08 ? 16  DG  B C8    1 
ATOM   314 N  N7    . DG  B 1 4  ? 5.638   2.933   -6.642  1.00 15.06 ? 16  DG  B N7    1 
ATOM   315 C  C5    . DG  B 1 4  ? 5.937   3.649   -5.490  1.00 13.47 ? 16  DG  B C5    1 
ATOM   316 C  C6    . DG  B 1 4  ? 5.228   4.682   -4.844  1.00 11.29 ? 16  DG  B C6    1 
ATOM   317 O  O6    . DG  B 1 4  ? 4.161   5.217   -5.169  1.00 14.41 ? 16  DG  B O6    1 
ATOM   318 N  N1    . DG  B 1 4  ? 5.888   5.133   -3.703  1.00 11.72 ? 16  DG  B N1    1 
ATOM   319 C  C2    . DG  B 1 4  ? 7.071   4.638   -3.229  1.00 12.83 ? 16  DG  B C2    1 
ATOM   320 N  N2    . DG  B 1 4  ? 7.520   5.180   -2.088  1.00 13.53 ? 16  DG  B N2    1 
ATOM   321 N  N3    . DG  B 1 4  ? 7.754   3.672   -3.825  1.00 14.02 ? 16  DG  B N3    1 
ATOM   322 C  C4    . DG  B 1 4  ? 7.127   3.219   -4.939  1.00 13.45 ? 16  DG  B C4    1 
ATOM   323 P  P     . DA  B 1 5  ? 10.798  -1.766  -4.356  1.00 26.84 ? 17  DA  B P     1 
ATOM   324 O  OP1   . DA  B 1 5  ? 12.098  -2.406  -4.063  1.00 28.88 ? 17  DA  B OP1   1 
ATOM   325 O  OP2   . DA  B 1 5  ? 9.644   -2.602  -4.753  1.00 26.58 ? 17  DA  B OP2   1 
ATOM   326 O  "O5'" . DA  B 1 5  ? 10.365  -0.891  -3.099  1.00 22.75 ? 17  DA  B "O5'" 1 
ATOM   327 C  "C5'" . DA  B 1 5  ? 11.241  0.084   -2.591  1.00 22.40 ? 17  DA  B "C5'" 1 
ATOM   328 C  "C4'" . DA  B 1 5  ? 10.744  0.590   -1.258  1.00 20.98 ? 17  DA  B "C4'" 1 
ATOM   329 O  "O4'" . DA  B 1 5  ? 9.507   1.322   -1.440  1.00 20.41 ? 17  DA  B "O4'" 1 
ATOM   330 C  "C3'" . DA  B 1 5  ? 10.449  -0.490  -0.229  1.00 23.03 ? 17  DA  B "C3'" 1 
ATOM   331 O  "O3'" . DA  B 1 5  ? 10.794  0.021   1.037   1.00 23.11 ? 17  DA  B "O3'" 1 
ATOM   332 C  "C2'" . DA  B 1 5  ? 8.937   -0.710  -0.369  1.00 20.24 ? 17  DA  B "C2'" 1 
ATOM   333 C  "C1'" . DA  B 1 5  ? 8.450   0.685   -0.736  1.00 21.07 ? 17  DA  B "C1'" 1 
ATOM   334 N  N9    . DA  B 1 5  ? 7.292   0.705   -1.617  1.00 17.06 ? 17  DA  B N9    1 
ATOM   335 C  C8    . DA  B 1 5  ? 7.080   -0.073  -2.724  1.00 15.66 ? 17  DA  B C8    1 
ATOM   336 N  N7    . DA  B 1 5  ? 5.977   0.235   -3.382  1.00 15.87 ? 17  DA  B N7    1 
ATOM   337 C  C5    . DA  B 1 5  ? 5.439   1.285   -2.655  1.00 12.62 ? 17  DA  B C5    1 
ATOM   338 C  C6    . DA  B 1 5  ? 4.275   2.064   -2.822  1.00 11.29 ? 17  DA  B C6    1 
ATOM   339 N  N6    . DA  B 1 5  ? 3.408   1.880   -3.833  1.00 12.61 ? 17  DA  B N6    1 
ATOM   340 N  N1    . DA  B 1 5  ? 4.040   3.030   -1.933  1.00 12.40 ? 17  DA  B N1    1 
ATOM   341 C  C2    . DA  B 1 5  ? 4.916   3.207   -0.929  1.00 13.52 ? 17  DA  B C2    1 
ATOM   342 N  N3    . DA  B 1 5  ? 6.049   2.564   -0.683  1.00 14.44 ? 17  DA  B N3    1 
ATOM   343 C  C4    . DA  B 1 5  ? 6.244   1.587   -1.570  1.00 14.63 ? 17  DA  B C4    1 
ATOM   344 P  P     . DA  B 1 6  ? 10.506  -0.805  2.375   1.00 24.91 ? 18  DA  B P     1 
ATOM   345 O  OP1   . DA  B 1 6  ? 11.555  -0.442  3.356   1.00 27.47 ? 18  DA  B OP1   1 
ATOM   346 O  OP2   . DA  B 1 6  ? 10.270  -2.219  2.035   1.00 25.39 ? 18  DA  B OP2   1 
ATOM   347 O  "O5'" . DA  B 1 6  ? 9.118   -0.189  2.864   1.00 22.30 ? 18  DA  B "O5'" 1 
ATOM   348 C  "C5'" . DA  B 1 6  ? 9.032   1.169   3.179   1.00 17.64 ? 18  DA  B "C5'" 1 
ATOM   349 C  "C4'" . DA  B 1 6  ? 7.628   1.511   3.640   1.00 18.15 ? 18  DA  B "C4'" 1 
ATOM   350 O  "O4'" . DA  B 1 6  ? 6.725   1.444   2.515   1.00 17.67 ? 18  DA  B "O4'" 1 
ATOM   351 C  "C3'" . DA  B 1 6  ? 7.058   0.592   4.719   1.00 18.18 ? 18  DA  B "C3'" 1 
ATOM   352 O  "O3'" . DA  B 1 6  ? 6.699   1.408   5.826   1.00 19.44 ? 18  DA  B "O3'" 1 
ATOM   353 C  "C2'" . DA  B 1 6  ? 5.843   -0.104  4.060   1.00 16.22 ? 18  DA  B "C2'" 1 
ATOM   354 C  "C1'" . DA  B 1 6  ? 5.515   0.822   2.893   1.00 15.49 ? 18  DA  B "C1'" 1 
ATOM   355 N  N9    . DA  B 1 6  ? 4.965   0.169   1.698   1.00 15.02 ? 18  DA  B N9    1 
ATOM   356 C  C8    . DA  B 1 6  ? 5.501   -0.873  0.994   1.00 15.17 ? 18  DA  B C8    1 
ATOM   357 N  N7    . DA  B 1 6  ? 4.805   -1.218  -0.075  1.00 16.70 ? 18  DA  B N7    1 
ATOM   358 C  C5    . DA  B 1 6  ? 3.751   -0.312  -0.077  1.00 14.02 ? 18  DA  B C5    1 
ATOM   359 C  C6    . DA  B 1 6  ? 2.648   -0.129  -0.941  1.00 10.82 ? 18  DA  B C6    1 
ATOM   360 N  N6    . DA  B 1 6  ? 2.444   -0.875  -2.028  1.00 13.85 ? 18  DA  B N6    1 
ATOM   361 N  N1    . DA  B 1 6  ? 1.773   0.855   -0.629  1.00 11.04 ? 18  DA  B N1    1 
ATOM   362 C  C2    . DA  B 1 6  ? 1.992   1.621   0.437   1.00 13.12 ? 18  DA  B C2    1 
ATOM   363 N  N3    . DA  B 1 6  ? 2.978   1.534   1.331   1.00 13.07 ? 18  DA  B N3    1 
ATOM   364 C  C4    . DA  B 1 6  ? 3.826   0.540   1.009   1.00 11.37 ? 18  DA  B C4    1 
ATOM   365 P  P     . DT  B 1 7  ? 5.991   0.818   7.140   1.00 21.65 ? 19  DT  B P     1 
ATOM   366 O  OP1   . DT  B 1 7  ? 6.335   1.730   8.249   1.00 24.97 ? 19  DT  B OP1   1 
ATOM   367 O  OP2   . DT  B 1 7  ? 6.269   -0.632  7.227   1.00 23.58 ? 19  DT  B OP2   1 
ATOM   368 O  "O5'" . DT  B 1 7  ? 4.439   0.990   6.814   1.00 17.36 ? 19  DT  B "O5'" 1 
ATOM   369 C  "C5'" . DT  B 1 7  ? 3.916   2.252   6.520   1.00 19.47 ? 19  DT  B "C5'" 1 
ATOM   370 C  "C4'" . DT  B 1 7  ? 2.480   2.101   6.082   1.00 14.16 ? 19  DT  B "C4'" 1 
ATOM   371 O  "O4'" . DT  B 1 7  ? 2.418   1.349   4.862   1.00 14.04 ? 19  DT  B "O4'" 1 
ATOM   372 C  "C3'" . DT  B 1 7  ? 1.585   1.363   7.069   1.00 14.49 ? 19  DT  B "C3'" 1 
ATOM   373 O  "O3'" . DT  B 1 7  ? 0.684   2.305   7.594   1.00 17.10 ? 19  DT  B "O3'" 1 
ATOM   374 C  "C2'" . DT  B 1 7  ? 0.886   0.274   6.233   1.00 13.85 ? 19  DT  B "C2'" 1 
ATOM   375 C  "C1'" . DT  B 1 7  ? 1.152   0.731   4.808   1.00 9.82  ? 19  DT  B "C1'" 1 
ATOM   376 N  N1    . DT  B 1 7  ? 1.222   -0.324  3.772   1.00 12.09 ? 19  DT  B N1    1 
ATOM   377 C  C2    . DT  B 1 7  ? 0.297   -0.310  2.738   1.00 9.17  ? 19  DT  B C2    1 
ATOM   378 O  O2    . DT  B 1 7  ? -0.646  0.475   2.704   1.00 12.67 ? 19  DT  B O2    1 
ATOM   379 N  N3    . DT  B 1 7  ? 0.496   -1.259  1.779   1.00 10.13 ? 19  DT  B N3    1 
ATOM   380 C  C4    . DT  B 1 7  ? 1.503   -2.200  1.717   1.00 9.83  ? 19  DT  B C4    1 
ATOM   381 O  O4    . DT  B 1 7  ? 1.590   -3.003  0.786   1.00 12.60 ? 19  DT  B O4    1 
ATOM   382 C  C5    . DT  B 1 7  ? 2.463   -2.149  2.816   1.00 12.21 ? 19  DT  B C5    1 
ATOM   383 C  C7    . DT  B 1 7  ? 3.595   -3.131  2.876   1.00 17.43 ? 19  DT  B C7    1 
ATOM   384 C  C6    . DT  B 1 7  ? 2.276   -1.224  3.776   1.00 12.39 ? 19  DT  B C6    1 
ATOM   385 P  P     . DT  B 1 8  ? -0.327  1.943   8.775   1.00 16.59 ? 20  DT  B P     1 
ATOM   386 O  OP1   . DT  B 1 8  ? -0.602  3.209   9.480   1.00 19.59 ? 20  DT  B OP1   1 
ATOM   387 O  OP2   . DT  B 1 8  ? 0.155   0.751   9.514   1.00 17.14 ? 20  DT  B OP2   1 
ATOM   388 O  "O5'" . DT  B 1 8  ? -1.635  1.510   7.977   1.00 13.98 ? 20  DT  B "O5'" 1 
ATOM   389 C  "C5'" . DT  B 1 8  ? -2.243  2.424   7.108   1.00 13.82 ? 20  DT  B "C5'" 1 
ATOM   390 C  "C4'" . DT  B 1 8  ? -3.335  1.732   6.328   1.00 14.03 ? 20  DT  B "C4'" 1 
ATOM   391 O  "O4'" . DT  B 1 8  ? -2.759  0.763   5.437   1.00 12.93 ? 20  DT  B "O4'" 1 
ATOM   392 C  "C3'" . DT  B 1 8  ? -4.340  0.958   7.179   1.00 13.23 ? 20  DT  B "C3'" 1 
ATOM   393 O  "O3'" . DT  B 1 8  ? -5.591  1.593   7.031   1.00 16.47 ? 20  DT  B "O3'" 1 
ATOM   394 C  "C2'" . DT  B 1 8  ? -4.310  -0.481  6.617   1.00 13.34 ? 20  DT  B "C2'" 1 
ATOM   395 C  "C1'" . DT  B 1 8  ? -3.695  -0.277  5.252   1.00 11.43 ? 20  DT  B "C1'" 1 
ATOM   396 N  N1    . DT  B 1 8  ? -2.951  -1.428  4.711   1.00 10.63 ? 20  DT  B N1    1 
ATOM   397 C  C2    . DT  B 1 8  ? -3.331  -1.945  3.492   1.00 9.28  ? 20  DT  B C2    1 
ATOM   398 O  O2    . DT  B 1 8  ? -4.316  -1.562  2.880   1.00 10.66 ? 20  DT  B O2    1 
ATOM   399 N  N3    . DT  B 1 8  ? -2.509  -2.915  2.990   1.00 9.47  ? 20  DT  B N3    1 
ATOM   400 C  C4    . DT  B 1 8  ? -1.385  -3.455  3.599   1.00 10.10 ? 20  DT  B C4    1 
ATOM   401 O  O4    . DT  B 1 8  ? -0.712  -4.323  3.058   1.00 11.94 ? 20  DT  B O4    1 
ATOM   402 C  C5    . DT  B 1 8  ? -1.037  -2.885  4.878   1.00 10.88 ? 20  DT  B C5    1 
ATOM   403 C  C7    . DT  B 1 8  ? 0.156   -3.404  5.634   1.00 16.25 ? 20  DT  B C7    1 
ATOM   404 C  C6    . DT  B 1 8  ? -1.828  -1.915  5.374   1.00 10.78 ? 20  DT  B C6    1 
ATOM   405 P  P     . DC  B 1 9  ? -6.894  1.102   7.826   1.00 19.88 ? 21  DC  B P     1 
ATOM   406 O  OP1   . DC  B 1 9  ? -7.741  2.289   8.022   1.00 24.02 ? 21  DC  B OP1   1 
ATOM   407 O  OP2   . DC  B 1 9  ? -6.489  0.283   8.974   1.00 21.67 ? 21  DC  B OP2   1 
ATOM   408 O  "O5'" . DC  B 1 9  ? -7.619  0.143   6.787   1.00 14.72 ? 21  DC  B "O5'" 1 
ATOM   409 C  "C5'" . DC  B 1 9  ? -7.997  0.628   5.530   1.00 13.75 ? 21  DC  B "C5'" 1 
ATOM   410 C  "C4'" . DC  B 1 9  ? -8.554  -0.512  4.719   1.00 10.91 ? 21  DC  B "C4'" 1 
ATOM   411 O  "O4'" . DC  B 1 9  ? -7.482  -1.433  4.435   1.00 11.59 ? 21  DC  B "O4'" 1 
ATOM   412 C  "C3'" . DC  B 1 9  ? -9.627  -1.321  5.444   1.00 13.33 ? 21  DC  B "C3'" 1 
ATOM   413 O  "O3'" . DC  B 1 9  ? -10.816 -1.225  4.692   1.00 11.90 ? 21  DC  B "O3'" 1 
ATOM   414 C  "C2'" . DC  B 1 9  ? -9.071  -2.758  5.501   1.00 11.99 ? 21  DC  B "C2'" 1 
ATOM   415 C  "C1'" . DC  B 1 9  ? -8.012  -2.739  4.412   1.00 11.57 ? 21  DC  B "C1'" 1 
ATOM   416 N  N1    . DC  B 1 9  ? -6.844  -3.628  4.630   1.00 10.65 ? 21  DC  B N1    1 
ATOM   417 C  C2    . DC  B 1 9  ? -6.443  -4.504  3.614   1.00 9.56  ? 21  DC  B C2    1 
ATOM   418 O  O2    . DC  B 1 9  ? -7.171  -4.654  2.627   1.00 10.93 ? 21  DC  B O2    1 
ATOM   419 N  N3    . DC  B 1 9  ? -5.296  -5.211  3.774   1.00 9.30  ? 21  DC  B N3    1 
ATOM   420 C  C4    . DC  B 1 9  ? -4.554  -5.036  4.862   1.00 8.21  ? 21  DC  B C4    1 
ATOM   421 N  N4    . DC  B 1 9  ? -3.391  -5.709  4.957   1.00 9.65  ? 21  DC  B N4    1 
ATOM   422 C  C5    . DC  B 1 9  ? -4.921  -4.118  5.886   1.00 9.64  ? 21  DC  B C5    1 
ATOM   423 C  C6    . DC  B 1 9  ? -6.066  -3.455  5.736   1.00 10.39 ? 21  DC  B C6    1 
ATOM   424 P  P     . DG  B 1 10 ? -12.240 -1.682  5.248   1.00 13.18 ? 22  DG  B P     1 
ATOM   425 O  OP1   . DG  B 1 10 ? -13.265 -0.913  4.506   1.00 15.70 ? 22  DG  B OP1   1 
ATOM   426 O  OP2   . DG  B 1 10 ? -12.233 -1.644  6.708   1.00 14.22 ? 22  DG  B OP2   1 
ATOM   427 O  "O5'" . DG  B 1 10 ? -12.322 -3.212  4.814   1.00 13.02 ? 22  DG  B "O5'" 1 
ATOM   428 C  "C5'" . DG  B 1 10 ? -12.256 -3.584  3.438   1.00 12.27 ? 22  DG  B "C5'" 1 
ATOM   429 C  "C4'" . DG  B 1 10 ? -12.147 -5.090  3.330   1.00 13.62 ? 22  DG  B "C4'" 1 
ATOM   430 O  "O4'" . DG  B 1 10 ? -10.794 -5.496  3.680   1.00 11.01 ? 22  DG  B "O4'" 1 
ATOM   431 C  "C3'" . DG  B 1 10 ? -13.048 -5.877  4.287   1.00 13.42 ? 22  DG  B "C3'" 1 
ATOM   432 O  "O3'" . DG  B 1 10 ? -13.513 -7.038  3.606   1.00 15.24 ? 22  DG  B "O3'" 1 
ATOM   433 C  "C2'" . DG  B 1 10 ? -12.085 -6.277  5.404   1.00 12.43 ? 22  DG  B "C2'" 1 
ATOM   434 C  "C1'" . DG  B 1 10 ? -10.886 -6.601  4.541   1.00 11.08 ? 22  DG  B "C1'" 1 
ATOM   435 N  N9    . DG  B 1 10 ? -9.611  -6.738  5.237   1.00 10.13 ? 22  DG  B N9    1 
ATOM   436 C  C8    . DG  B 1 10 ? -9.194  -6.133  6.413   1.00 11.21 ? 22  DG  B C8    1 
ATOM   437 N  N7    . DG  B 1 10 ? -7.959  -6.432  6.744   1.00 9.49  ? 22  DG  B N7    1 
ATOM   438 C  C5    . DG  B 1 10 ? -7.531  -7.275  5.700   1.00 8.20  ? 22  DG  B C5    1 
ATOM   439 C  C6    . DG  B 1 10 ? -6.304  -7.967  5.511   1.00 8.15  ? 22  DG  B C6    1 
ATOM   440 O  O6    . DG  B 1 10 ? -5.292  -7.898  6.193   1.00 9.55  ? 22  DG  B O6    1 
ATOM   441 N  N1    . DG  B 1 10 ? -6.330  -8.761  4.356   1.00 9.19  ? 22  DG  B N1    1 
ATOM   442 C  C2    . DG  B 1 10 ? -7.385  -8.863  3.500   1.00 9.13  ? 22  DG  B C2    1 
ATOM   443 N  N2    . DG  B 1 10 ? -7.214  -9.667  2.436   1.00 9.15  ? 22  DG  B N2    1 
ATOM   444 N  N3    . DG  B 1 10 ? -8.532  -8.231  3.665   1.00 9.17  ? 22  DG  B N3    1 
ATOM   445 C  C4    . DG  B 1 10 ? -8.545  -7.487  4.796   1.00 8.47  ? 22  DG  B C4    1 
ATOM   446 P  P     . DC  B 1 11 ? -15.008 -7.577  3.762   1.00 18.08 ? 23  DC  B P     1 
ATOM   447 O  OP1   . DC  B 1 11 ? -15.918 -6.694  2.999   1.00 23.05 ? 23  DC  B OP1   1 
ATOM   448 O  OP2   . DC  B 1 11 ? -15.253 -7.837  5.186   1.00 21.35 ? 23  DC  B OP2   1 
ATOM   449 O  "O5'" . DC  B 1 11 ? -14.901 -8.981  3.013   1.00 16.05 ? 23  DC  B "O5'" 1 
ATOM   450 C  "C5'" . DC  B 1 11 ? -14.465 -9.025  1.660   1.00 17.58 ? 23  DC  B "C5'" 1 
ATOM   451 C  "C4'" . DC  B 1 11 ? -13.750 -10.333 1.421   1.00 16.47 ? 23  DC  B "C4'" 1 
ATOM   452 O  "O4'" . DC  B 1 11 ? -12.428 -10.253 2.011   1.00 18.59 ? 23  DC  B "O4'" 1 
ATOM   453 C  "C3'" . DC  B 1 11 ? -14.458 -11.498 2.089   1.00 17.61 ? 23  DC  B "C3'" 1 
ATOM   454 O  "O3'" . DC  B 1 11 ? -14.730 -12.497 1.164   1.00 19.62 ? 23  DC  B "O3'" 1 
ATOM   455 C  "C2'" . DC  B 1 11 ? -13.535 -11.962 3.199   1.00 22.30 ? 23  DC  B "C2'" 1 
ATOM   456 C  "C1'" . DC  B 1 11 ? -12.181 -11.403 2.785   1.00 18.13 ? 23  DC  B "C1'" 1 
ATOM   457 N  N1    . DC  B 1 11 ? -11.406 -10.983 3.955   1.00 14.33 ? 23  DC  B N1    1 
ATOM   458 C  C2    . DC  B 1 11 ? -10.119 -11.493 4.164   1.00 11.75 ? 23  DC  B C2    1 
ATOM   459 O  O2    . DC  B 1 11 ? -9.636  -12.251 3.311   1.00 12.51 ? 23  DC  B O2    1 
ATOM   460 N  N3    . DC  B 1 11 ? -9.442  -11.118 5.277   1.00 9.24  ? 23  DC  B N3    1 
ATOM   461 C  C4    . DC  B 1 11 ? -10.026 -10.284 6.164   1.00 8.63  ? 23  DC  B C4    1 
ATOM   462 N  N4    . DC  B 1 11 ? -9.307  -9.912  7.215   1.00 10.32 ? 23  DC  B N4    1 
ATOM   463 C  C5    . DC  B 1 11 ? -11.351 -9.779  5.976   1.00 11.87 ? 23  DC  B C5    1 
ATOM   464 C  C6    . DC  B 1 11 ? -11.990 -10.149 4.875   1.00 11.92 ? 23  DC  B C6    1 
ATOM   465 P  P     . DG  B 1 12 ? -15.633 -13.743 1.594   1.00 24.09 ? 24  DG  B P     1 
ATOM   466 O  OP1   . DG  B 1 12 ? -16.406 -14.183 0.414   1.00 27.67 ? 24  DG  B OP1   1 
ATOM   467 O  OP2   . DG  B 1 12 ? -16.312 -13.400 2.846   1.00 23.64 ? 24  DG  B OP2   1 
ATOM   468 O  "O5'" . DG  B 1 12 ? -14.547 -14.857 1.944   1.00 18.01 ? 24  DG  B "O5'" 1 
ATOM   469 C  "C5'" . DG  B 1 12 ? -13.739 -15.413 0.937   1.00 18.09 ? 24  DG  B "C5'" 1 
ATOM   470 C  "C4'" . DG  B 1 12 ? -12.626 -16.186 1.593   1.00 15.60 ? 24  DG  B "C4'" 1 
ATOM   471 O  "O4'" . DG  B 1 12 ? -11.791 -15.259 2.311   1.00 14.99 ? 24  DG  B "O4'" 1 
ATOM   472 C  "C3'" . DG  B 1 12 ? -13.085 -17.132 2.685   1.00 18.11 ? 24  DG  B "C3'" 1 
ATOM   473 O  "O3'" . DG  B 1 12 ? -13.546 -18.347 2.124   1.00 19.37 ? 24  DG  B "O3'" 1 
ATOM   474 C  "C2'" . DG  B 1 12 ? -11.794 -17.335 3.462   1.00 19.79 ? 24  DG  B "C2'" 1 
ATOM   475 C  "C1'" . DG  B 1 12 ? -11.155 -15.950 3.370   1.00 15.06 ? 24  DG  B "C1'" 1 
ATOM   476 N  N9    . DG  B 1 12 ? -11.276 -15.155 4.578   1.00 14.27 ? 24  DG  B N9    1 
ATOM   477 C  C8    . DG  B 1 12 ? -12.358 -14.433 5.009   1.00 14.93 ? 24  DG  B C8    1 
ATOM   478 N  N7    . DG  B 1 12 ? -12.131 -13.778 6.120   1.00 13.52 ? 24  DG  B N7    1 
ATOM   479 C  C5    . DG  B 1 12 ? -10.809 -14.076 6.426   1.00 11.25 ? 24  DG  B C5    1 
ATOM   480 C  C6    . DG  B 1 12 ? -9.992  -13.659 7.507   1.00 12.61 ? 24  DG  B C6    1 
ATOM   481 O  O6    . DG  B 1 12 ? -10.296 -12.920 8.453   1.00 13.19 ? 24  DG  B O6    1 
ATOM   482 N  N1    . DG  B 1 12 ? -8.705  -14.201 7.430   1.00 11.50 ? 24  DG  B N1    1 
ATOM   483 C  C2    . DG  B 1 12 ? -8.270  -15.046 6.433   1.00 11.29 ? 24  DG  B C2    1 
ATOM   484 N  N2    . DG  B 1 12 ? -7.003  -15.481 6.512   1.00 11.31 ? 24  DG  B N2    1 
ATOM   485 N  N3    . DG  B 1 12 ? -9.030  -15.434 5.425   1.00 10.23 ? 24  DG  B N3    1 
ATOM   486 C  C4    . DG  B 1 12 ? -10.273 -14.910 5.477   1.00 10.72 ? 24  DG  B C4    1 
HETATM 487 MG MG    . MG  C 2 .  ? -9.404  0.737   -8.687  1.00 10.39 ? 101 MG  A MG    1 
HETATM 488 C  CAA   . 804 D 3 .  ? 5.170   5.533   5.445   1.00 23.87 ? 101 804 B CAA   1 
HETATM 489 C  CAB   . 804 D 3 .  ? 5.458   5.043   3.108   1.00 23.75 ? 101 804 B CAB   1 
HETATM 490 C  CAC   . 804 D 3 .  ? 3.791   5.365   5.314   1.00 23.26 ? 101 804 B CAC   1 
HETATM 491 C  CAD   . 804 D 3 .  ? 4.080   4.889   2.971   1.00 20.09 ? 101 804 B CAD   1 
HETATM 492 C  CAE   . 804 D 3 .  ? 0.892   5.376   4.747   1.00 20.55 ? 101 804 B CAE   1 
HETATM 493 C  CAF   . 804 D 3 .  ? 1.482   3.835   3.000   1.00 19.51 ? 101 804 B CAF   1 
HETATM 494 C  CAG   . 804 D 3 .  ? -0.466  5.028   4.577   1.00 15.82 ? 101 804 B CAG   1 
HETATM 495 C  CAH   . 804 D 3 .  ? 0.145   3.483   2.842   1.00 20.70 ? 101 804 B CAH   1 
HETATM 496 C  CAI   . 804 D 3 .  ? -6.529  2.886   3.028   1.00 18.12 ? 101 804 B CAI   1 
HETATM 497 C  CAJ   . 804 D 3 .  ? -5.620  3.756   3.624   1.00 19.91 ? 101 804 B CAJ   1 
HETATM 498 C  CAK   . 804 D 3 .  ? -4.690  1.688   2.111   1.00 17.58 ? 101 804 B CAK   1 
HETATM 499 C  CAL   . 804 D 3 .  ? -3.232  4.294   3.911   1.00 21.25 ? 101 804 B CAL   1 
HETATM 500 C  CAM   . 804 D 3 .  ? 10.189  5.324   4.586   1.00 46.13 ? 101 804 B CAM   1 
HETATM 501 C  CAN   . 804 D 3 .  ? -8.911  -0.915  0.896   1.00 23.30 ? 101 804 B CAN   1 
HETATM 502 C  CAO   . 804 D 3 .  ? 9.432   5.310   5.898   1.00 45.05 ? 101 804 B CAO   1 
HETATM 503 C  CAP   . 804 D 3 .  ? -9.195  0.513   0.600   1.00 20.33 ? 101 804 B CAP   1 
HETATM 504 C  CAQ   . 804 D 3 .  ? 9.416   6.136   3.584   1.00 46.92 ? 101 804 B CAQ   1 
HETATM 505 C  CAR   . 804 D 3 .  ? -7.456  -1.169  0.671   1.00 17.49 ? 101 804 B CAR   1 
HETATM 506 N  NAS   . 804 D 3 .  ? 7.955   5.288   5.691   1.00 41.75 ? 101 804 B NAS   1 
HETATM 507 N  NAT   . 804 D 3 .  ? -8.180  1.393   1.219   1.00 17.01 ? 101 804 B NAT   1 
HETATM 508 N  NAU   . 804 D 3 .  ? 8.092   5.545   3.355   1.00 42.01 ? 101 804 B NAU   1 
HETATM 509 N  NAV   . 804 D 3 .  ? -6.598  -0.339  1.552   1.00 15.88 ? 101 804 B NAV   1 
HETATM 510 N  NAW   . 804 D 3 .  ? -2.502  2.640   2.709   1.00 19.28 ? 101 804 B NAW   1 
HETATM 511 C  CAX   . 804 D 3 .  ? 7.384   5.524   4.490   1.00 37.80 ? 101 804 B CAX   1 
HETATM 512 C  CAY   . 804 D 3 .  ? -6.987  0.945   1.655   1.00 15.89 ? 101 804 B CAY   1 
HETATM 513 C  CAZ   . 804 D 3 .  ? 6.002   5.391   4.338   1.00 25.45 ? 101 804 B CAZ   1 
HETATM 514 C  CBA   . 804 D 3 .  ? -6.067  1.829   2.263   1.00 14.44 ? 101 804 B CBA   1 
HETATM 515 C  CBB   . 804 D 3 .  ? 3.237   5.070   4.068   1.00 22.84 ? 101 804 B CBB   1 
HETATM 516 C  CBC   . 804 D 3 .  ? 1.865   4.793   3.927   1.00 18.40 ? 101 804 B CBC   1 
HETATM 517 C  CBD   . 804 D 3 .  ? -0.843  4.064   3.627   1.00 18.34 ? 101 804 B CBD   1 
HETATM 518 C  CBE   . 804 D 3 .  ? -2.139  3.687   3.438   1.00 18.11 ? 101 804 B CBE   1 
HETATM 519 C  CBF   . 804 D 3 .  ? -4.304  3.593   3.453   1.00 17.76 ? 101 804 B CBF   1 
HETATM 520 C  CBG   . 804 D 3 .  ? -3.839  2.566   2.714   1.00 14.30 ? 101 804 B CBG   1 
HETATM 521 O  O     . HOH E 4 .  ? 0.556   8.870   -4.787  1.00 21.52 ? 201 HOH A O     1 
HETATM 522 O  O     . HOH E 4 .  ? -8.026  -4.031  -1.271  1.00 14.71 ? 202 HOH A O     1 
HETATM 523 O  O     . HOH E 4 .  ? -8.191  -0.778  -9.285  1.00 11.61 ? 203 HOH A O     1 
HETATM 524 O  O     . HOH E 4 .  ? -9.232  -5.980  -2.671  1.00 26.82 ? 204 HOH A O     1 
HETATM 525 O  O     . HOH E 4 .  ? -5.000  3.719   -5.439  1.00 15.35 ? 205 HOH A O     1 
HETATM 526 O  O     . HOH E 4 .  ? 0.464   -6.495  8.145   1.00 19.50 ? 206 HOH A O     1 
HETATM 527 O  O     . HOH E 4 .  ? -7.844  1.385   -7.494  1.00 11.11 ? 207 HOH A O     1 
HETATM 528 O  O     . HOH E 4 .  ? -11.465 2.878   -5.418  1.00 13.37 ? 208 HOH A O     1 
HETATM 529 O  O     . HOH E 4 .  ? -3.721  8.086   -3.470  1.00 23.54 ? 209 HOH A O     1 
HETATM 530 O  O     . HOH E 4 .  ? 0.094   -8.509  6.221   1.00 21.94 ? 210 HOH A O     1 
HETATM 531 O  O     . HOH E 4 .  ? -11.955 0.174   -5.309  1.00 19.08 ? 211 HOH A O     1 
HETATM 532 O  O     . HOH E 4 .  ? 0.363   -12.159 8.691   1.00 17.53 ? 212 HOH A O     1 
HETATM 533 O  O     . HOH E 4 .  ? -4.807  -1.467  -7.101  1.00 15.73 ? 213 HOH A O     1 
HETATM 534 O  O     . HOH E 4 .  ? -6.319  -15.406 12.962  1.00 16.08 ? 214 HOH A O     1 
HETATM 535 O  O     . HOH E 4 .  ? 0.138   -7.059  3.619   1.00 24.54 ? 215 HOH A O     1 
HETATM 536 O  O     . HOH E 4 .  ? -11.394 -3.974  -8.866  1.00 18.20 ? 216 HOH A O     1 
HETATM 537 O  O     . HOH E 4 .  ? -10.137 -0.448  -7.136  1.00 11.77 ? 217 HOH A O     1 
HETATM 538 O  O     . HOH E 4 .  ? -8.396  -8.725  10.881  1.00 21.15 ? 218 HOH A O     1 
HETATM 539 O  O     . HOH E 4 .  ? -10.974 -4.733  -5.052  1.00 24.89 ? 219 HOH A O     1 
HETATM 540 O  O     . HOH E 4 .  ? 0.249   -6.559  -2.806  1.00 32.72 ? 220 HOH A O     1 
HETATM 541 O  O     . HOH E 4 .  ? -1.054  -3.369  -5.608  1.00 24.06 ? 221 HOH A O     1 
HETATM 542 O  O     . HOH E 4 .  ? 9.888   7.109   -0.559  1.00 22.27 ? 222 HOH A O     1 
HETATM 543 O  O     . HOH E 4 .  ? -5.765  -14.462 15.491  1.00 19.92 ? 223 HOH A O     1 
HETATM 544 O  O     . HOH E 4 .  ? -6.348  -4.572  -9.779  1.00 24.07 ? 224 HOH A O     1 
HETATM 545 O  O     . HOH E 4 .  ? 0.719   3.285   -6.633  1.00 21.55 ? 225 HOH A O     1 
HETATM 546 O  O     . HOH E 4 .  ? 0.743   -19.202 11.346  1.00 30.23 ? 226 HOH A O     1 
HETATM 547 O  O     . HOH E 4 .  ? 0.565   -0.705  -6.141  1.00 26.01 ? 227 HOH A O     1 
HETATM 548 O  O     . HOH E 4 .  ? 1.893   -11.843 4.017   1.00 25.94 ? 228 HOH A O     1 
HETATM 549 O  O     . HOH E 4 .  ? -7.681  -8.328  -1.931  1.00 22.84 ? 229 HOH A O     1 
HETATM 550 O  O     . HOH E 4 .  ? -10.842 -7.499  -6.103  1.00 26.17 ? 230 HOH A O     1 
HETATM 551 O  O     . HOH E 4 .  ? 14.763  14.627  -1.114  1.00 26.75 ? 231 HOH A O     1 
HETATM 552 O  O     . HOH E 4 .  ? -10.503 2.370   -8.010  1.00 12.02 ? 232 HOH A O     1 
HETATM 553 O  O     . HOH E 4 .  ? 1.331   -6.739  -0.660  1.00 33.29 ? 233 HOH A O     1 
HETATM 554 O  O     . HOH E 4 .  ? -6.688  -8.770  13.752  1.00 18.39 ? 234 HOH A O     1 
HETATM 555 O  O     . HOH E 4 .  ? -7.502  -11.134 14.563  1.00 22.55 ? 235 HOH A O     1 
HETATM 556 O  O     . HOH E 4 .  ? 2.673   13.359  3.340   1.00 47.91 ? 236 HOH A O     1 
HETATM 557 O  O     . HOH E 4 .  ? -6.225  -7.441  -9.607  1.00 29.22 ? 237 HOH A O     1 
HETATM 558 O  O     . HOH E 4 .  ? 0.752   -8.593  1.303   1.00 26.10 ? 238 HOH A O     1 
HETATM 559 O  O     . HOH E 4 .  ? 3.932   -14.790 6.233   1.00 36.62 ? 239 HOH A O     1 
HETATM 560 O  O     . HOH E 4 .  ? -11.243 1.735   -1.690  1.00 28.78 ? 240 HOH A O     1 
HETATM 561 O  O     . HOH E 4 .  ? -11.519 -0.831  -2.511  1.00 27.97 ? 241 HOH A O     1 
HETATM 562 O  O     . HOH E 4 .  ? 1.180   -4.035  -4.115  1.00 29.14 ? 242 HOH A O     1 
HETATM 563 O  O     . HOH E 4 .  ? 1.696   -10.763 6.721   1.00 23.84 ? 243 HOH A O     1 
HETATM 564 O  O     . HOH E 4 .  ? 1.264   -13.615 13.968  1.00 34.76 ? 244 HOH A O     1 
HETATM 565 O  O     . HOH E 4 .  ? 8.676   14.445  -1.181  1.00 42.52 ? 245 HOH A O     1 
HETATM 566 O  O     . HOH E 4 .  ? -6.923  6.755   2.906   1.00 49.54 ? 246 HOH A O     1 
HETATM 567 O  O     . HOH E 4 .  ? -1.239  9.077   -2.678  1.00 25.48 ? 247 HOH A O     1 
HETATM 568 O  O     . HOH E 4 .  ? 5.089   13.501  1.797   1.00 36.81 ? 248 HOH A O     1 
HETATM 569 O  O     . HOH E 4 .  ? -1.163  2.930   -8.420  1.00 29.23 ? 249 HOH A O     1 
HETATM 570 O  O     . HOH E 4 .  ? -0.493  0.659   -8.117  1.00 51.18 ? 250 HOH A O     1 
HETATM 571 O  O     . HOH E 4 .  ? -0.232  4.522   -10.661 1.00 43.45 ? 251 HOH A O     1 
HETATM 572 O  O     . HOH E 4 .  ? 12.386  16.503  -2.430  1.00 35.36 ? 252 HOH A O     1 
HETATM 573 O  O     . HOH E 4 .  ? 9.956   15.542  2.004   1.00 35.72 ? 253 HOH A O     1 
HETATM 574 O  O     . HOH E 4 .  ? 17.199  7.751   2.926   1.00 36.19 ? 254 HOH A O     1 
HETATM 575 O  O     . HOH E 4 .  ? 0.601   11.187  -0.820  1.00 28.78 ? 255 HOH A O     1 
HETATM 576 O  O     . HOH E 4 .  ? -2.476  -13.140 -7.247  1.00 41.88 ? 256 HOH A O     1 
HETATM 577 O  O     . HOH E 4 .  ? -1.805  -15.995 -4.806  1.00 38.78 ? 257 HOH A O     1 
HETATM 578 O  O     . HOH E 4 .  ? 17.774  11.667  -1.433  1.00 25.59 ? 258 HOH A O     1 
HETATM 579 O  O     . HOH E 4 .  ? 0.064   13.643  5.483   1.00 60.48 ? 259 HOH A O     1 
HETATM 580 O  O     . HOH E 4 .  ? 6.844   8.363   6.562   1.00 26.49 ? 260 HOH A O     1 
HETATM 581 O  O     . HOH E 4 .  ? 3.595   8.383   7.737   1.00 41.33 ? 261 HOH A O     1 
HETATM 582 O  O     . HOH E 4 .  ? -6.012  -8.973  9.440   1.00 11.19 ? 262 HOH A O     1 
HETATM 583 O  O     . HOH E 4 .  ? 20.269  5.780   -2.306  1.00 33.73 ? 263 HOH A O     1 
HETATM 584 O  O     . HOH E 4 .  ? 5.195   -14.892 11.815  1.00 44.43 ? 264 HOH A O     1 
HETATM 585 O  O     . HOH E 4 .  ? -5.148  10.370  2.725   1.00 38.34 ? 265 HOH A O     1 
HETATM 586 O  O     . HOH E 4 .  ? 12.398  15.123  0.545   1.00 33.21 ? 266 HOH A O     1 
HETATM 587 O  O     . HOH E 4 .  ? 2.865   12.354  -0.036  1.00 36.96 ? 267 HOH A O     1 
HETATM 588 O  O     . HOH E 4 .  ? 2.650   14.704  -1.870  1.00 47.63 ? 268 HOH A O     1 
HETATM 589 O  O     . HOH E 4 .  ? 5.062   -15.965 3.092   1.00 41.10 ? 269 HOH A O     1 
HETATM 590 O  O     . HOH E 4 .  ? 1.435   -9.250  -2.556  1.00 31.11 ? 270 HOH A O     1 
HETATM 591 O  O     . HOH E 4 .  ? -9.739  -9.060  -4.161  1.00 35.00 ? 271 HOH A O     1 
HETATM 592 O  O     . HOH E 4 .  ? 8.013   7.069   1.126   1.00 29.62 ? 272 HOH A O     1 
HETATM 593 O  O     . HOH F 4 .  ? -1.823  6.524   -7.540  1.00 32.02 ? 201 HOH B O     1 
HETATM 594 O  O     . HOH F 4 .  ? -4.278  5.897   -9.211  1.00 22.94 ? 202 HOH B O     1 
HETATM 595 O  O     . HOH F 4 .  ? -4.268  6.728   -11.849 1.00 26.25 ? 203 HOH B O     1 
HETATM 596 O  O     . HOH F 4 .  ? 9.718   1.046   7.021   1.00 42.89 ? 204 HOH B O     1 
HETATM 597 O  O     . HOH F 4 .  ? -2.128  -5.424  7.610   1.00 13.05 ? 205 HOH B O     1 
HETATM 598 O  O     . HOH F 4 .  ? -4.079  -7.145  8.469   1.00 12.09 ? 206 HOH B O     1 
HETATM 599 O  O     . HOH F 4 .  ? 5.327   2.032   -12.218 1.00 37.08 ? 207 HOH B O     1 
HETATM 600 O  O     . HOH F 4 .  ? 3.055   20.457  -13.552 1.00 29.75 ? 208 HOH B O     1 
HETATM 601 O  O     . HOH F 4 .  ? 7.566   -2.890  2.278   1.00 31.57 ? 209 HOH B O     1 
HETATM 602 O  O     . HOH F 4 .  ? 2.393   5.323   -7.178  1.00 28.81 ? 210 HOH B O     1 
HETATM 603 O  O     . HOH F 4 .  ? -11.176 -3.774  7.981   1.00 18.86 ? 211 HOH B O     1 
HETATM 604 O  O     . HOH F 4 .  ? 3.884   -2.342  6.599   1.00 23.45 ? 212 HOH B O     1 
HETATM 605 O  O     . HOH F 4 .  ? 5.201   -3.400  -1.621  1.00 29.96 ? 213 HOH B O     1 
HETATM 606 O  O     . HOH F 4 .  ? 2.005   9.264   -8.158  1.00 35.92 ? 214 HOH B O     1 
HETATM 607 O  O     . HOH F 4 .  ? -11.234 0.214   8.469   1.00 17.37 ? 215 HOH B O     1 
HETATM 608 O  O     . HOH F 4 .  ? -5.608  -2.814  9.036   1.00 22.06 ? 216 HOH B O     1 
HETATM 609 O  O     . HOH F 4 .  ? 3.902   12.451  -7.022  1.00 23.96 ? 217 HOH B O     1 
HETATM 610 O  O     . HOH F 4 .  ? -7.024  -5.227  9.113   1.00 13.87 ? 218 HOH B O     1 
HETATM 611 O  O     . HOH F 4 .  ? -10.987 -8.239  9.106   1.00 19.99 ? 219 HOH B O     1 
HETATM 612 O  O     A HOH F 4 .  ? -13.987 1.375   5.394   0.50 22.64 ? 220 HOH B O     1 
HETATM 613 O  O     B HOH F 4 .  ? 1.484   -15.866 -3.042  0.50 20.07 ? 220 HOH B O     1 
HETATM 614 O  O     . HOH F 4 .  ? 10.697  4.050   -0.070  1.00 33.65 ? 221 HOH B O     1 
HETATM 615 O  O     . HOH F 4 .  ? -10.459 -8.287  1.578   1.00 20.65 ? 222 HOH B O     1 
HETATM 616 O  O     . HOH F 4 .  ? -10.688 2.403   7.185   1.00 23.75 ? 223 HOH B O     1 
HETATM 617 O  O     . HOH F 4 .  ? -9.440  -4.506  1.119   1.00 17.23 ? 224 HOH B O     1 
HETATM 618 O  O     . HOH F 4 .  ? 8.203   3.775   1.003   1.00 21.27 ? 225 HOH B O     1 
HETATM 619 O  O     . HOH F 4 .  ? 3.560   -2.792  -3.589  1.00 31.23 ? 226 HOH B O     1 
HETATM 620 O  O     . HOH F 4 .  ? -0.801  -1.641  8.688   1.00 21.01 ? 227 HOH B O     1 
HETATM 621 O  O     . HOH F 4 .  ? 8.845   18.172  -10.837 1.00 26.35 ? 228 HOH B O     1 
HETATM 622 O  O     . HOH F 4 .  ? 2.455   0.375   10.869  1.00 31.28 ? 229 HOH B O     1 
HETATM 623 O  O     . HOH F 4 .  ? 7.304   17.178  -15.184 1.00 32.03 ? 230 HOH B O     1 
HETATM 624 O  O     . HOH F 4 .  ? -12.475 -11.966 9.565   1.00 28.38 ? 231 HOH B O     1 
HETATM 625 O  O     . HOH F 4 .  ? -14.234 -12.357 6.869   1.00 24.23 ? 232 HOH B O     1 
HETATM 626 O  O     . HOH F 4 .  ? -13.897 -7.979  8.363   1.00 50.26 ? 233 HOH B O     1 
HETATM 627 O  O     . HOH F 4 .  ? 3.334   -4.871  -0.167  1.00 27.39 ? 234 HOH B O     1 
HETATM 628 O  O     . HOH F 4 .  ? -16.036 -2.927  5.417   1.00 41.20 ? 235 HOH B O     1 
HETATM 629 O  O     . HOH F 4 .  ? -11.318 5.219   7.761   1.00 22.95 ? 236 HOH B O     1 
HETATM 630 O  O     . HOH F 4 .  ? -10.888 -6.277  0.062   1.00 31.83 ? 237 HOH B O     1 
HETATM 631 O  O     . HOH F 4 .  ? 4.727   -1.450  -5.104  1.00 35.72 ? 238 HOH B O     1 
HETATM 632 O  O     . HOH F 4 .  ? -3.188  3.322   10.562  1.00 36.40 ? 239 HOH B O     1 
HETATM 633 O  O     . HOH F 4 .  ? 2.991   0.059   -6.396  1.00 34.65 ? 240 HOH B O     1 
HETATM 634 O  O     . HOH F 4 .  ? -15.817 -3.841  2.104   1.00 41.06 ? 241 HOH B O     1 
HETATM 635 O  O     . HOH F 4 .  ? 5.818   20.535  -13.287 1.00 39.12 ? 242 HOH B O     1 
HETATM 636 O  O     . HOH F 4 .  ? -18.337 -5.782  4.006   1.00 30.52 ? 243 HOH B O     1 
HETATM 637 O  O     A HOH F 4 .  ? -17.418 -11.760 -0.792  0.30 15.94 ? 244 HOH B O     1 
HETATM 638 O  O     B HOH F 4 .  ? 5.709   3.551   9.928   0.40 16.99 ? 244 HOH B O     1 
HETATM 639 O  O     C HOH F 4 .  ? 4.088   2.818   10.016  0.30 17.68 ? 244 HOH B O     1 
HETATM 640 O  O     . HOH F 4 .  ? -9.320  3.867   1.183   1.00 31.83 ? 245 HOH B O     1 
HETATM 641 O  O     . HOH F 4 .  ? -14.759 -9.673  7.052   1.00 29.23 ? 246 HOH B O     1 
HETATM 642 O  O     . HOH F 4 .  ? 1.316   6.820   -8.575  1.00 42.79 ? 247 HOH B O     1 
HETATM 643 O  O     . HOH F 4 .  ? -18.123 -10.519 3.839   1.00 42.55 ? 248 HOH B O     1 
HETATM 644 O  O     . HOH F 4 .  ? 6.518   1.471   11.169  1.00 37.59 ? 249 HOH B O     1 
HETATM 645 O  O     . HOH F 4 .  ? 7.067   3.150   -15.086 1.00 39.42 ? 250 HOH B O     1 
HETATM 646 O  O     . HOH F 4 .  ? 2.825   12.160  -15.638 1.00 41.88 ? 251 HOH B O     1 
HETATM 647 O  O     . HOH F 4 .  ? 2.029   13.429  -9.161  1.00 42.36 ? 252 HOH B O     1 
HETATM 648 O  O     . HOH F 4 .  ? 4.752   17.870  -8.267  1.00 37.05 ? 253 HOH B O     1 
HETATM 649 O  O     . HOH F 4 .  ? 8.533   -2.400  6.690   1.00 48.35 ? 254 HOH B O     1 
HETATM 650 O  O     . HOH F 4 .  ? -17.854 -7.653  6.211   1.00 39.34 ? 255 HOH B O     1 
HETATM 651 O  O     . HOH F 4 .  ? -17.735 -7.431  0.655   1.00 45.21 ? 256 HOH B O     1 
HETATM 652 O  O     . HOH F 4 .  ? -9.272  4.102   5.619   1.00 34.57 ? 257 HOH B O     1 
HETATM 653 O  O     . HOH F 4 .  ? 11.289  -0.607  -11.597 1.00 49.15 ? 258 HOH B O     1 
HETATM 654 O  O     . HOH F 4 .  ? 0.400   12.271  -12.669 1.00 33.25 ? 259 HOH B O     1 
HETATM 655 O  O     . HOH F 4 .  ? -12.669 -5.849  9.077   1.00 29.26 ? 260 HOH B O     1 
HETATM 656 O  O     . HOH F 4 .  ? 12.903  -1.226  -9.826  1.00 41.87 ? 261 HOH B O     1 
HETATM 657 O  O     . HOH F 4 .  ? -12.344 -0.130  1.692   1.00 35.98 ? 262 HOH B O     1 
HETATM 658 O  O     . HOH F 4 .  ? 8.013   -3.580  -2.771  1.00 29.99 ? 263 HOH B O     1 
HETATM 659 O  O     . HOH F 4 .  ? -9.990  -3.100  12.081  1.00 35.66 ? 264 HOH B O     1 
HETATM 660 O  O     . HOH F 4 .  ? -8.903  -0.917  9.783   1.00 29.01 ? 265 HOH B O     1 
HETATM 661 O  O     . HOH F 4 .  ? -11.718 -2.789  0.221   1.00 41.99 ? 266 HOH B O     1 
HETATM 662 O  O     . HOH F 4 .  ? -15.818 -1.505  2.790   1.00 37.31 ? 267 HOH B O     1 
HETATM 663 O  O     . HOH F 4 .  ? -13.754 1.990   0.416   1.00 50.99 ? 268 HOH B O     1 
HETATM 664 O  O     . HOH F 4 .  ? -10.488 2.086   3.326   1.00 46.78 ? 269 HOH B O     1 
HETATM 665 O  O     . HOH F 4 .  ? -18.792 -14.976 -0.254  1.00 39.28 ? 270 HOH B O     1 
HETATM 666 O  O     . HOH F 4 .  ? 7.246   4.169   8.266   1.00 35.33 ? 271 HOH B O     1 
HETATM 667 O  O     . HOH F 4 .  ? 6.557   14.595  -5.576  1.00 40.44 ? 272 HOH B O     1 
HETATM 668 O  O     . HOH F 4 .  ? 2.339   9.708   -10.980 1.00 33.62 ? 273 HOH B O     1 
HETATM 669 O  O     . HOH F 4 .  ? 9.011   17.370  -13.725 1.00 33.94 ? 274 HOH B O     1 
HETATM 670 O  O     . HOH F 4 .  ? 4.667   2.855   -9.401  1.00 35.30 ? 275 HOH B O     1 
HETATM 671 O  O     . HOH F 4 .  ? 2.796   7.894   -12.863 1.00 36.50 ? 276 HOH B O     1 
HETATM 672 O  O     . HOH F 4 .  ? 5.241   7.250   -16.801 1.00 35.32 ? 277 HOH B O     1 
HETATM 673 O  O     . HOH F 4 .  ? -3.847  -0.257  11.765  1.00 33.99 ? 278 HOH B O     1 
HETATM 674 O  O     . HOH F 4 .  ? 11.109  -1.057  6.487   1.00 52.12 ? 279 HOH B O     1 
HETATM 675 O  O     . HOH F 4 .  ? 7.175   16.027  -3.411  1.00 45.18 ? 280 HOH B O     1 
HETATM 676 O  O     . HOH F 4 .  ? 2.399   9.126   -15.050 1.00 43.55 ? 281 HOH B O     1 
HETATM 677 O  O     . HOH F 4 .  ? 2.705   16.009  -13.652 1.00 36.95 ? 282 HOH B O     1 
# 
